data_3VVG
#
_entry.id   3VVG
#
_cell.length_a   163.566
_cell.length_b   58.433
_cell.length_c   138.008
_cell.angle_alpha   90.00
_cell.angle_beta   109.01
_cell.angle_gamma   90.00
#
_symmetry.space_group_name_H-M   'C 1 2 1'
#
loop_
_entity.id
_entity.type
_entity.pdbx_description
1 polymer '458aa long hypothetical endo-1,4-beta-glucanase'
2 non-polymer '3-(4-methoxy-3-methylphenyl)propanoic acid'
3 non-polymer 'PHOSPHATE ION'
4 water water
#
_entity_poly.entity_id   1
_entity_poly.type   'polypeptide(L)'
_entity_poly.pdbx_seq_one_letter_code
;QTPTGIYYEVRGDTIYMINVTSGEETPIHLFGVNWFGFETPNHVVHGLWKRNWEDMLLQIKSLGFNAIRLPFCTESVKPG
TQPIGIDYSKNPDLRGLDSLQIMEKIIKKAGDLGIFVLLDYHRIGCTHIEPLWYTEDFSEEDFINTWIEVAKRFGKYWNV
IGADLKNEPHSVTSPPAAYTDGTGATWGMGNPATDWNLAAERIGKAILKVAPHWLIFVEGTQFTNPKTDSSYKWGYNAWW
GGNLMAVKDYPVNLPKNKLVYSPHVYGPDVYNQPYFGPAKGFPDNLPDIWYHHFGYVKLELGYSVVIGEFGGKYGHGGDP
RDVIWQNKLVDWMIENKFCDFFYWSWNPDSGDTGGILQDDWTTIWEDKYNNLKRLMD
;
_entity_poly.pdbx_strand_id   A,B,C
#
loop_
_chem_comp.id
_chem_comp.type
_chem_comp.name
_chem_comp.formula
PO4 non-polymer 'PHOSPHATE ION' 'O4 P -3'
ZGB non-polymer '3-(4-methoxy-3-methylphenyl)propanoic acid' 'C11 H14 O3'
#
# COMPACT_ATOMS: atom_id res chain seq x y z
N GLN A 1 -20.14 13.26 -19.24
CA GLN A 1 -20.67 11.93 -18.83
C GLN A 1 -20.42 10.83 -19.88
N THR A 2 -20.63 11.10 -21.17
CA THR A 2 -20.22 10.17 -22.27
C THR A 2 -20.23 10.74 -23.72
N PRO A 3 -19.11 10.65 -24.44
CA PRO A 3 -19.09 11.07 -25.84
C PRO A 3 -19.78 10.11 -26.83
N THR A 4 -20.28 8.96 -26.36
CA THR A 4 -20.91 7.97 -27.29
C THR A 4 -22.40 7.68 -27.13
N GLY A 5 -23.01 8.17 -26.07
CA GLY A 5 -24.37 7.78 -25.76
C GLY A 5 -24.44 6.65 -24.72
N ILE A 6 -23.33 5.90 -24.61
CA ILE A 6 -23.22 4.74 -23.69
C ILE A 6 -22.25 5.05 -22.52
N TYR A 7 -22.64 4.67 -21.30
CA TYR A 7 -21.85 4.87 -20.15
C TYR A 7 -21.76 3.50 -19.53
N TYR A 8 -20.57 3.03 -19.21
CA TYR A 8 -20.40 1.75 -18.53
C TYR A 8 -20.23 1.94 -17.00
N GLU A 9 -20.78 1.04 -16.18
CA GLU A 9 -20.53 1.12 -14.76
C GLU A 9 -20.72 -0.25 -14.16
N VAL A 10 -20.20 -0.38 -12.96
CA VAL A 10 -20.36 -1.61 -12.21
C VAL A 10 -21.38 -1.35 -11.14
N ARG A 11 -22.31 -2.25 -10.95
CA ARG A 11 -23.17 -2.12 -9.78
C ARG A 11 -22.99 -3.45 -9.13
N GLY A 12 -22.49 -3.42 -7.91
CA GLY A 12 -22.08 -4.63 -7.14
C GLY A 12 -20.98 -5.36 -7.86
N ASP A 13 -21.24 -6.61 -8.25
CA ASP A 13 -20.17 -7.27 -8.98
C ASP A 13 -20.48 -7.42 -10.50
N THR A 14 -21.47 -6.67 -11.03
CA THR A 14 -21.87 -6.87 -12.39
C THR A 14 -21.64 -5.64 -13.22
N ILE A 15 -21.17 -5.82 -14.43
CA ILE A 15 -21.00 -4.68 -15.31
C ILE A 15 -22.29 -4.34 -16.09
N TYR A 16 -22.57 -3.03 -16.22
CA TYR A 16 -23.76 -2.58 -16.98
C TYR A 16 -23.43 -1.57 -18.03
N MET A 17 -24.23 -1.60 -19.12
CA MET A 17 -24.13 -0.62 -20.16
C MET A 17 -25.40 0.24 -19.99
N ILE A 18 -25.23 1.55 -19.94
CA ILE A 18 -26.33 2.49 -19.79
C ILE A 18 -26.46 3.32 -21.06
N ASN A 19 -27.66 3.30 -21.66
CA ASN A 19 -27.97 4.27 -22.73
C ASN A 19 -28.38 5.61 -22.02
N VAL A 20 -27.56 6.64 -22.12
CA VAL A 20 -27.80 7.79 -21.23
C VAL A 20 -29.07 8.57 -21.65
N THR A 21 -29.35 8.65 -22.93
CA THR A 21 -30.64 9.26 -23.45
C THR A 21 -31.87 8.52 -22.97
N SER A 22 -31.94 7.21 -23.22
CA SER A 22 -33.15 6.47 -22.84
C SER A 22 -33.18 6.16 -21.36
N GLY A 23 -32.04 6.16 -20.69
CA GLY A 23 -32.05 5.76 -19.32
C GLY A 23 -31.94 4.23 -19.13
N GLU A 24 -32.05 3.44 -20.20
CA GLU A 24 -32.07 1.96 -20.07
C GLU A 24 -30.68 1.43 -19.65
N GLU A 25 -30.68 0.42 -18.79
CA GLU A 25 -29.48 -0.26 -18.23
C GLU A 25 -29.58 -1.74 -18.51
N THR A 26 -28.52 -2.35 -19.04
CA THR A 26 -28.56 -3.78 -19.38
C THR A 26 -27.29 -4.38 -18.81
N PRO A 27 -27.41 -5.53 -18.07
CA PRO A 27 -26.18 -6.17 -17.51
C PRO A 27 -25.47 -6.77 -18.66
N ILE A 28 -24.17 -6.68 -18.66
CA ILE A 28 -23.45 -7.35 -19.73
C ILE A 28 -22.57 -8.42 -19.13
N HIS A 29 -22.23 -9.41 -19.95
CA HIS A 29 -21.25 -10.40 -19.56
C HIS A 29 -20.21 -10.49 -20.64
N LEU A 30 -18.95 -10.56 -20.25
CA LEU A 30 -17.87 -10.55 -21.24
C LEU A 30 -17.39 -11.99 -21.43
N PHE A 31 -17.67 -12.54 -22.60
CA PHE A 31 -17.23 -13.91 -23.01
C PHE A 31 -16.10 -13.59 -23.98
N GLY A 32 -14.87 -13.53 -23.45
CA GLY A 32 -13.84 -12.74 -24.13
C GLY A 32 -12.63 -13.57 -24.57
N VAL A 33 -11.94 -13.08 -25.60
CA VAL A 33 -10.64 -13.64 -25.97
C VAL A 33 -9.64 -12.50 -26.10
N ASN A 34 -8.36 -12.82 -25.81
CA ASN A 34 -7.22 -11.95 -26.20
C ASN A 34 -6.79 -12.19 -27.64
N TRP A 35 -6.75 -11.11 -28.41
CA TRP A 35 -6.12 -11.20 -29.72
C TRP A 35 -4.89 -10.29 -29.66
N PHE A 36 -3.72 -10.92 -29.48
CA PHE A 36 -2.52 -10.13 -29.28
C PHE A 36 -1.71 -9.82 -30.57
N GLY A 37 -0.76 -8.91 -30.48
CA GLY A 37 0.10 -8.50 -31.64
C GLY A 37 0.40 -7.01 -31.71
N PHE A 38 -0.53 -6.18 -31.29
CA PHE A 38 -0.21 -4.76 -31.28
C PHE A 38 0.89 -4.39 -30.27
N GLU A 39 1.12 -5.19 -29.27
CA GLU A 39 2.15 -4.91 -28.31
C GLU A 39 3.50 -5.50 -28.76
N THR A 40 3.60 -6.04 -30.00
CA THR A 40 4.82 -6.76 -30.43
C THR A 40 5.47 -6.00 -31.57
N PRO A 41 6.62 -6.50 -32.04
CA PRO A 41 7.36 -5.89 -33.18
C PRO A 41 6.62 -5.90 -34.50
N ASN A 42 5.62 -6.77 -34.63
CA ASN A 42 4.69 -6.68 -35.76
C ASN A 42 3.84 -5.41 -35.71
N HIS A 43 3.65 -4.84 -34.51
CA HIS A 43 2.72 -3.69 -34.43
C HIS A 43 1.38 -3.95 -35.08
N VAL A 44 0.92 -5.20 -35.04
CA VAL A 44 -0.49 -5.44 -35.48
C VAL A 44 -0.91 -6.74 -34.88
N VAL A 45 -2.21 -6.96 -34.69
CA VAL A 45 -2.63 -8.24 -34.19
C VAL A 45 -2.02 -9.31 -35.10
N HIS A 46 -1.58 -10.43 -34.52
CA HIS A 46 -0.92 -11.51 -35.33
C HIS A 46 -1.93 -12.31 -36.16
N GLY A 47 -1.40 -13.01 -37.15
CA GLY A 47 -2.21 -13.99 -37.94
C GLY A 47 -2.57 -13.50 -39.32
N LEU A 48 -2.28 -12.23 -39.59
CA LEU A 48 -2.78 -11.63 -40.85
C LEU A 48 -1.84 -11.96 -42.02
N TRP A 49 -0.83 -12.73 -41.75
CA TRP A 49 -0.07 -13.35 -42.85
C TRP A 49 -0.77 -14.63 -43.34
N LYS A 50 -1.83 -15.07 -42.65
CA LYS A 50 -2.43 -16.37 -42.93
C LYS A 50 -3.96 -16.15 -43.04
N ARG A 51 -4.47 -15.08 -42.42
CA ARG A 51 -5.89 -14.79 -42.46
C ARG A 51 -6.23 -13.35 -42.79
N ASN A 52 -7.43 -13.16 -43.30
CA ASN A 52 -8.06 -11.87 -43.43
C ASN A 52 -8.56 -11.40 -42.07
N TRP A 53 -8.42 -10.10 -41.78
CA TRP A 53 -8.65 -9.66 -40.39
C TRP A 53 -10.10 -9.72 -40.03
N GLU A 54 -10.99 -9.47 -41.00
CA GLU A 54 -12.40 -9.45 -40.70
C GLU A 54 -12.94 -10.88 -40.52
N ASP A 55 -12.45 -11.80 -41.34
CA ASP A 55 -12.84 -13.19 -41.24
C ASP A 55 -12.51 -13.71 -39.84
N MET A 56 -11.36 -13.29 -39.34
CA MET A 56 -10.99 -13.67 -37.94
C MET A 56 -12.03 -13.17 -36.97
N LEU A 57 -12.43 -11.92 -37.09
CA LEU A 57 -13.43 -11.40 -36.18
C LEU A 57 -14.80 -12.12 -36.33
N LEU A 58 -15.20 -12.37 -37.57
CA LEU A 58 -16.36 -13.24 -37.82
C LEU A 58 -16.23 -14.60 -37.18
N GLN A 59 -15.07 -15.21 -37.32
CA GLN A 59 -14.84 -16.52 -36.68
C GLN A 59 -14.96 -16.43 -35.13
N ILE A 60 -14.34 -15.43 -34.56
CA ILE A 60 -14.50 -15.11 -33.14
C ILE A 60 -15.99 -15.00 -32.71
N LYS A 61 -16.75 -14.21 -33.44
CA LYS A 61 -18.18 -14.07 -33.12
C LYS A 61 -18.89 -15.40 -33.35
N SER A 62 -18.54 -16.17 -34.36
CA SER A 62 -19.28 -17.40 -34.60
C SER A 62 -19.14 -18.39 -33.44
N LEU A 63 -18.04 -18.28 -32.68
CA LEU A 63 -17.79 -19.17 -31.56
C LEU A 63 -18.49 -18.64 -30.27
N GLY A 64 -19.26 -17.54 -30.39
CA GLY A 64 -20.01 -16.97 -29.21
C GLY A 64 -19.28 -15.96 -28.36
N PHE A 65 -18.04 -15.61 -28.68
CA PHE A 65 -17.39 -14.58 -27.91
C PHE A 65 -18.09 -13.25 -28.22
N ASN A 66 -18.19 -12.38 -27.20
CA ASN A 66 -18.74 -11.02 -27.42
C ASN A 66 -17.73 -9.96 -26.95
N ALA A 67 -16.44 -10.31 -26.75
CA ALA A 67 -15.50 -9.30 -26.23
C ALA A 67 -14.04 -9.68 -26.59
N ILE A 68 -13.24 -8.66 -26.84
CA ILE A 68 -11.85 -8.86 -27.19
C ILE A 68 -11.02 -7.96 -26.28
N ARG A 69 -9.99 -8.52 -25.73
CA ARG A 69 -9.03 -7.74 -24.99
C ARG A 69 -7.88 -7.58 -25.95
N LEU A 70 -7.48 -6.33 -26.16
CA LEU A 70 -6.56 -5.90 -27.24
C LEU A 70 -5.27 -5.30 -26.60
N PRO A 71 -4.20 -6.10 -26.53
CA PRO A 71 -2.95 -5.60 -25.98
C PRO A 71 -2.36 -4.57 -26.94
N PHE A 72 -1.69 -3.55 -26.42
CA PHE A 72 -0.97 -2.65 -27.36
C PHE A 72 0.33 -2.25 -26.65
N CYS A 73 1.32 -1.80 -27.42
CA CYS A 73 2.47 -1.11 -26.78
C CYS A 73 2.47 0.39 -27.18
N THR A 74 3.35 1.19 -26.58
CA THR A 74 3.27 2.65 -26.85
C THR A 74 3.33 3.01 -28.32
N GLU A 75 4.28 2.38 -29.01
CA GLU A 75 4.56 2.76 -30.39
C GLU A 75 3.40 2.42 -31.30
N SER A 76 2.65 1.37 -30.96
CA SER A 76 1.56 0.98 -31.83
C SER A 76 0.45 2.00 -31.84
N VAL A 77 0.37 2.84 -30.82
CA VAL A 77 -0.76 3.73 -30.77
C VAL A 77 -0.34 5.10 -31.30
N LYS A 78 0.95 5.31 -31.52
CA LYS A 78 1.46 6.59 -32.08
C LYS A 78 1.22 6.65 -33.58
N PRO A 79 0.70 7.78 -34.08
CA PRO A 79 0.46 7.72 -35.53
C PRO A 79 1.76 7.46 -36.25
N GLY A 80 1.68 6.88 -37.45
CA GLY A 80 2.86 6.60 -38.24
C GLY A 80 3.63 5.32 -38.01
N THR A 81 3.21 4.46 -37.07
CA THR A 81 3.99 3.24 -36.85
C THR A 81 3.49 2.26 -37.91
N GLN A 82 4.41 1.55 -38.57
CA GLN A 82 4.07 0.66 -39.66
C GLN A 82 3.88 -0.73 -39.14
N PRO A 83 2.84 -1.42 -39.60
CA PRO A 83 2.85 -2.86 -39.26
C PRO A 83 3.84 -3.71 -40.09
N ILE A 84 4.25 -4.86 -39.57
CA ILE A 84 5.09 -5.81 -40.26
C ILE A 84 4.38 -7.18 -40.31
N GLY A 85 4.50 -7.90 -41.44
CA GLY A 85 4.00 -9.28 -41.62
C GLY A 85 2.49 -9.42 -41.84
N ILE A 86 1.93 -8.58 -42.68
CA ILE A 86 0.53 -8.68 -43.13
C ILE A 86 0.58 -9.23 -44.56
N ASP A 87 -0.19 -10.29 -44.84
CA ASP A 87 -0.43 -10.69 -46.24
C ASP A 87 -1.49 -9.79 -46.86
N TYR A 88 -1.08 -8.90 -47.75
CA TYR A 88 -2.03 -7.96 -48.30
C TYR A 88 -2.82 -8.46 -49.48
N SER A 89 -2.54 -9.65 -49.98
CA SER A 89 -3.51 -10.26 -50.89
C SER A 89 -4.76 -10.60 -50.08
N LYS A 90 -4.54 -11.10 -48.87
CA LYS A 90 -5.63 -11.47 -47.97
C LYS A 90 -6.28 -10.22 -47.30
N ASN A 91 -5.51 -9.16 -47.15
CA ASN A 91 -5.98 -7.96 -46.47
C ASN A 91 -5.77 -6.69 -47.27
N PRO A 92 -6.42 -6.60 -48.46
CA PRO A 92 -6.20 -5.47 -49.37
C PRO A 92 -6.67 -4.15 -48.78
N ASP A 93 -7.70 -4.17 -47.94
CA ASP A 93 -8.19 -2.93 -47.38
C ASP A 93 -7.35 -2.45 -46.23
N LEU A 94 -6.30 -3.18 -45.89
CA LEU A 94 -5.30 -2.69 -44.91
C LEU A 94 -4.13 -2.02 -45.66
N ARG A 95 -4.17 -1.92 -46.97
CA ARG A 95 -2.97 -1.42 -47.63
C ARG A 95 -2.80 0.08 -47.27
N GLY A 96 -1.65 0.57 -46.81
CA GLY A 96 -1.56 2.02 -46.68
C GLY A 96 -1.83 2.48 -45.25
N LEU A 97 -2.42 1.61 -44.44
CA LEU A 97 -2.79 1.99 -43.08
C LEU A 97 -1.64 1.74 -42.14
N ASP A 98 -1.47 2.61 -41.15
CA ASP A 98 -0.43 2.37 -40.16
C ASP A 98 -1.08 1.59 -39.00
N SER A 99 -0.31 1.28 -37.98
CA SER A 99 -0.80 0.42 -36.87
C SER A 99 -2.08 0.96 -36.23
N LEU A 100 -2.16 2.28 -36.08
CA LEU A 100 -3.25 2.83 -35.33
C LEU A 100 -4.55 2.72 -36.11
N GLN A 101 -4.46 2.95 -37.42
CA GLN A 101 -5.62 2.94 -38.25
C GLN A 101 -6.16 1.48 -38.38
N ILE A 102 -5.27 0.52 -38.41
CA ILE A 102 -5.74 -0.90 -38.34
C ILE A 102 -6.48 -1.16 -36.98
N MET A 103 -5.91 -0.69 -35.89
CA MET A 103 -6.60 -0.78 -34.60
C MET A 103 -8.00 -0.11 -34.62
N GLU A 104 -8.13 1.08 -35.22
CA GLU A 104 -9.45 1.70 -35.27
C GLU A 104 -10.43 0.83 -36.07
N LYS A 105 -9.97 0.30 -37.19
CA LYS A 105 -10.82 -0.38 -38.15
C LYS A 105 -11.28 -1.69 -37.47
N ILE A 106 -10.40 -2.28 -36.69
CA ILE A 106 -10.75 -3.57 -36.05
C ILE A 106 -11.77 -3.38 -34.94
N ILE A 107 -11.60 -2.30 -34.17
CA ILE A 107 -12.47 -2.02 -33.08
C ILE A 107 -13.84 -1.63 -33.65
N LYS A 108 -13.87 -0.82 -34.72
CA LYS A 108 -15.14 -0.43 -35.36
C LYS A 108 -15.91 -1.69 -35.91
N LYS A 109 -15.20 -2.51 -36.67
CA LYS A 109 -15.72 -3.84 -37.14
C LYS A 109 -16.19 -4.69 -35.94
N ALA A 110 -15.41 -4.79 -34.87
CA ALA A 110 -15.89 -5.55 -33.69
C ALA A 110 -17.17 -4.96 -33.18
N GLY A 111 -17.23 -3.62 -33.11
CA GLY A 111 -18.45 -2.96 -32.69
C GLY A 111 -19.70 -3.25 -33.50
N ASP A 112 -19.51 -3.44 -34.79
CA ASP A 112 -20.58 -3.70 -35.72
C ASP A 112 -21.18 -5.07 -35.34
N LEU A 113 -20.32 -6.00 -34.89
CA LEU A 113 -20.72 -7.37 -34.41
C LEU A 113 -21.14 -7.45 -32.94
N GLY A 114 -21.33 -6.29 -32.30
CA GLY A 114 -21.72 -6.24 -30.90
C GLY A 114 -20.57 -6.59 -29.93
N ILE A 115 -19.36 -6.67 -30.46
CA ILE A 115 -18.25 -7.14 -29.61
C ILE A 115 -17.60 -6.02 -28.82
N PHE A 116 -17.63 -6.18 -27.51
CA PHE A 116 -16.89 -5.23 -26.61
C PHE A 116 -15.38 -5.35 -26.72
N VAL A 117 -14.70 -4.23 -26.49
CA VAL A 117 -13.24 -4.13 -26.61
C VAL A 117 -12.63 -3.56 -25.33
N LEU A 118 -11.72 -4.32 -24.78
CA LEU A 118 -10.98 -3.84 -23.58
C LEU A 118 -9.60 -3.51 -24.06
N LEU A 119 -9.17 -2.27 -23.91
CA LEU A 119 -7.80 -1.86 -24.31
C LEU A 119 -6.86 -2.09 -23.18
N ASP A 120 -5.68 -2.67 -23.47
CA ASP A 120 -4.76 -3.23 -22.46
C ASP A 120 -3.38 -2.70 -22.78
N TYR A 121 -2.85 -1.91 -21.88
CA TYR A 121 -1.53 -1.25 -22.23
C TYR A 121 -0.56 -2.32 -21.72
N HIS A 122 -0.11 -3.19 -22.65
CA HIS A 122 0.48 -4.49 -22.26
C HIS A 122 2.01 -4.42 -22.05
N ARG A 123 2.66 -3.52 -22.77
CA ARG A 123 4.11 -3.31 -22.68
C ARG A 123 4.36 -1.88 -23.02
N ILE A 124 5.38 -1.30 -22.38
CA ILE A 124 5.78 0.02 -22.73
C ILE A 124 6.66 0.00 -24.01
N GLY A 125 7.72 -0.79 -23.99
CA GLY A 125 8.46 -1.06 -25.28
C GLY A 125 7.64 -2.13 -26.03
N CYS A 126 8.27 -2.83 -26.98
CA CYS A 126 7.47 -3.69 -27.84
C CYS A 126 8.07 -5.06 -27.83
N THR A 127 8.81 -5.34 -26.77
CA THR A 127 9.54 -6.59 -26.68
C THR A 127 9.06 -7.41 -25.52
N HIS A 128 8.81 -6.81 -24.36
CA HIS A 128 8.48 -7.64 -23.19
C HIS A 128 7.67 -6.82 -22.17
N ILE A 129 7.15 -7.51 -21.20
CA ILE A 129 6.31 -6.90 -20.19
C ILE A 129 7.20 -6.41 -19.06
N GLU A 130 7.27 -5.12 -18.90
CA GLU A 130 8.01 -4.56 -17.78
C GLU A 130 7.31 -4.78 -16.45
N PRO A 131 8.11 -4.98 -15.39
CA PRO A 131 7.58 -5.24 -14.10
C PRO A 131 6.79 -3.97 -13.61
N LEU A 132 7.16 -2.79 -14.10
CA LEU A 132 6.62 -1.51 -13.64
C LEU A 132 6.02 -0.74 -14.74
N TRP A 133 5.16 0.25 -14.42
CA TRP A 133 4.52 1.06 -15.41
C TRP A 133 5.45 2.24 -15.74
N TYR A 134 6.76 2.08 -15.48
CA TYR A 134 7.73 3.05 -16.03
C TYR A 134 9.06 2.39 -16.26
N THR A 135 9.89 3.06 -17.06
CA THR A 135 11.24 2.57 -17.28
C THR A 135 12.23 3.70 -17.08
N GLU A 136 13.49 3.33 -17.16
CA GLU A 136 14.54 4.31 -17.07
C GLU A 136 14.27 5.43 -18.11
N ASP A 137 13.81 5.09 -19.30
CA ASP A 137 13.53 6.13 -20.29
C ASP A 137 12.08 6.52 -20.47
N PHE A 138 11.18 5.97 -19.68
CA PHE A 138 9.77 6.25 -19.97
C PHE A 138 9.16 6.38 -18.61
N SER A 139 8.79 7.60 -18.26
CA SER A 139 8.31 7.89 -16.95
C SER A 139 6.82 7.61 -16.79
N GLU A 140 6.41 7.62 -15.55
CA GLU A 140 5.00 7.50 -15.25
C GLU A 140 4.21 8.60 -15.93
N GLU A 141 4.75 9.80 -15.93
CA GLU A 141 4.03 10.82 -16.59
C GLU A 141 3.84 10.50 -18.09
N ASP A 142 4.90 9.98 -18.73
CA ASP A 142 4.77 9.53 -20.11
C ASP A 142 3.69 8.43 -20.28
N PHE A 143 3.65 7.53 -19.31
CA PHE A 143 2.74 6.41 -19.36
C PHE A 143 1.34 6.96 -19.28
N ILE A 144 1.07 7.73 -18.25
CA ILE A 144 -0.21 8.45 -18.20
C ILE A 144 -0.54 9.27 -19.43
N ASN A 145 0.42 10.01 -19.96
CA ASN A 145 0.03 10.79 -21.13
C ASN A 145 -0.37 9.95 -22.32
N THR A 146 0.27 8.81 -22.50
CA THR A 146 -0.14 7.92 -23.58
C THR A 146 -1.60 7.44 -23.31
N TRP A 147 -1.90 7.02 -22.08
CA TRP A 147 -3.29 6.63 -21.82
C TRP A 147 -4.28 7.75 -22.13
N ILE A 148 -3.93 8.97 -21.78
CA ILE A 148 -4.85 10.07 -22.04
C ILE A 148 -5.12 10.17 -23.52
N GLU A 149 -4.05 10.04 -24.33
CA GLU A 149 -4.17 10.06 -25.81
C GLU A 149 -5.03 8.92 -26.36
N VAL A 150 -4.89 7.75 -25.76
CA VAL A 150 -5.59 6.56 -26.21
C VAL A 150 -7.05 6.75 -25.80
N ALA A 151 -7.26 7.11 -24.52
CA ALA A 151 -8.62 7.48 -24.07
C ALA A 151 -9.33 8.56 -24.95
N LYS A 152 -8.61 9.66 -25.29
CA LYS A 152 -9.26 10.68 -26.15
C LYS A 152 -9.75 10.12 -27.48
N ARG A 153 -8.91 9.34 -28.18
CA ARG A 153 -9.24 8.78 -29.48
C ARG A 153 -10.28 7.65 -29.43
N PHE A 154 -10.01 6.65 -28.62
CA PHE A 154 -10.87 5.45 -28.55
C PHE A 154 -12.09 5.53 -27.63
N GLY A 155 -12.17 6.56 -26.80
CA GLY A 155 -13.38 6.84 -26.05
C GLY A 155 -14.57 7.18 -26.95
N LYS A 156 -14.33 7.53 -28.22
CA LYS A 156 -15.44 7.82 -29.14
C LYS A 156 -16.08 6.56 -29.78
N TYR A 157 -15.58 5.35 -29.43
CA TYR A 157 -16.06 4.06 -29.99
C TYR A 157 -16.98 3.46 -28.95
N TRP A 158 -18.28 3.27 -29.30
CA TRP A 158 -19.30 2.89 -28.31
C TRP A 158 -18.91 1.61 -27.52
N ASN A 159 -18.29 0.67 -28.24
CA ASN A 159 -18.00 -0.71 -27.70
C ASN A 159 -16.70 -0.78 -26.91
N VAL A 160 -15.90 0.28 -26.86
CA VAL A 160 -14.69 0.20 -26.02
C VAL A 160 -15.10 0.40 -24.55
N ILE A 161 -14.85 -0.60 -23.69
CA ILE A 161 -15.49 -0.56 -22.40
C ILE A 161 -14.58 0.05 -21.39
N GLY A 162 -13.29 0.12 -21.70
CA GLY A 162 -12.41 0.86 -20.77
C GLY A 162 -10.95 0.39 -20.89
N ALA A 163 -10.21 0.56 -19.81
CA ALA A 163 -8.71 0.56 -19.87
C ALA A 163 -8.18 -0.42 -18.88
N ASP A 164 -7.39 -1.36 -19.35
CA ASP A 164 -6.70 -2.26 -18.43
C ASP A 164 -5.33 -1.62 -18.26
N LEU A 165 -5.13 -1.07 -17.08
CA LEU A 165 -4.20 0.06 -16.94
C LEU A 165 -2.77 -0.36 -17.25
N LYS A 166 -2.33 -1.49 -16.70
CA LYS A 166 -0.98 -2.03 -17.02
C LYS A 166 -1.00 -3.51 -16.96
N ASN A 167 -0.51 -4.14 -18.04
CA ASN A 167 -0.51 -5.61 -18.01
C ASN A 167 0.53 -6.15 -17.02
N GLU A 168 0.13 -7.09 -16.16
CA GLU A 168 0.98 -7.88 -15.26
C GLU A 168 2.10 -7.12 -14.55
N PRO A 169 1.73 -6.10 -13.73
CA PRO A 169 2.71 -5.68 -12.65
C PRO A 169 3.33 -6.91 -12.03
N HIS A 170 4.67 -6.99 -11.88
CA HIS A 170 5.21 -8.19 -11.33
C HIS A 170 6.60 -7.80 -10.78
N SER A 171 7.38 -8.80 -10.38
CA SER A 171 8.68 -8.55 -9.84
C SER A 171 9.73 -9.28 -10.68
N VAL A 172 10.98 -8.84 -10.55
CA VAL A 172 12.05 -9.55 -11.22
C VAL A 172 13.12 -10.02 -10.24
N THR A 173 12.87 -9.91 -8.94
CA THR A 173 13.76 -10.46 -7.92
C THR A 173 12.86 -11.10 -6.96
N SER A 174 13.42 -11.89 -6.05
CA SER A 174 12.59 -12.58 -5.06
C SER A 174 12.42 -11.71 -3.84
N PRO A 175 11.43 -12.02 -3.03
CA PRO A 175 11.22 -11.56 -1.65
C PRO A 175 12.30 -12.13 -0.78
N PRO A 176 12.75 -11.34 0.20
CA PRO A 176 12.10 -10.09 0.65
C PRO A 176 12.64 -8.92 -0.14
N ALA A 177 13.73 -9.15 -0.86
CA ALA A 177 14.25 -8.06 -1.59
C ALA A 177 13.23 -7.33 -2.49
N ALA A 178 12.45 -8.10 -3.24
CA ALA A 178 11.56 -7.56 -4.26
C ALA A 178 10.59 -6.46 -3.70
N TYR A 179 10.40 -6.49 -2.41
CA TYR A 179 9.48 -5.52 -1.74
C TYR A 179 10.07 -4.12 -1.63
N THR A 180 11.40 -4.06 -1.58
CA THR A 180 12.08 -2.80 -1.34
C THR A 180 13.09 -2.43 -2.39
N ASP A 181 13.39 -3.32 -3.33
CA ASP A 181 14.56 -3.02 -4.15
C ASP A 181 14.25 -2.05 -5.27
N GLY A 182 12.97 -1.63 -5.42
CA GLY A 182 12.64 -0.64 -6.46
C GLY A 182 12.47 -1.17 -7.88
N THR A 183 12.62 -2.48 -8.07
CA THR A 183 12.68 -3.01 -9.44
C THR A 183 11.34 -3.65 -9.85
N GLY A 184 10.44 -3.84 -8.87
CA GLY A 184 9.21 -4.58 -9.13
C GLY A 184 8.05 -4.01 -8.33
N ALA A 185 6.86 -4.43 -8.74
CA ALA A 185 5.68 -3.76 -8.31
C ALA A 185 5.39 -4.30 -6.97
N THR A 186 4.76 -3.45 -6.12
CA THR A 186 4.31 -3.90 -4.85
C THR A 186 2.86 -3.50 -4.62
N TRP A 187 2.30 -3.82 -3.47
CA TRP A 187 1.00 -3.31 -3.15
C TRP A 187 0.85 -3.25 -1.63
N GLY A 188 0.65 -2.02 -1.08
CA GLY A 188 0.55 -1.97 0.36
C GLY A 188 1.90 -1.82 1.02
N MET A 189 2.99 -1.65 0.26
CA MET A 189 4.30 -1.47 0.88
C MET A 189 4.48 -0.08 1.44
N GLY A 190 3.86 0.92 0.80
CA GLY A 190 3.94 2.27 1.33
C GLY A 190 4.55 3.15 0.27
N ASN A 191 5.53 2.63 -0.47
CA ASN A 191 6.20 3.46 -1.47
C ASN A 191 5.35 3.68 -2.73
N PRO A 192 4.93 4.94 -2.97
CA PRO A 192 4.00 5.20 -4.03
C PRO A 192 4.64 5.00 -5.37
N ALA A 193 5.96 4.81 -5.40
CA ALA A 193 6.62 4.60 -6.70
C ALA A 193 6.67 3.07 -7.08
N THR A 194 6.36 2.20 -6.16
CA THR A 194 6.37 0.82 -6.55
C THR A 194 4.97 0.27 -6.26
N ASP A 195 4.21 0.94 -5.38
CA ASP A 195 2.92 0.41 -4.98
C ASP A 195 1.90 0.52 -6.11
N TRP A 196 1.57 -0.60 -6.70
CA TRP A 196 0.61 -0.60 -7.85
C TRP A 196 -0.80 -0.12 -7.45
N ASN A 197 -1.22 -0.39 -6.26
CA ASN A 197 -2.51 0.13 -5.79
C ASN A 197 -2.65 1.66 -5.81
N LEU A 198 -1.54 2.32 -5.49
CA LEU A 198 -1.47 3.77 -5.51
C LEU A 198 -1.36 4.32 -6.91
N ALA A 199 -0.45 3.74 -7.70
CA ALA A 199 -0.34 4.14 -9.08
C ALA A 199 -1.64 3.95 -9.91
N ALA A 200 -2.32 2.85 -9.67
CA ALA A 200 -3.59 2.53 -10.42
C ALA A 200 -4.58 3.73 -10.17
N GLU A 201 -4.61 4.23 -8.97
CA GLU A 201 -5.42 5.40 -8.61
C GLU A 201 -4.99 6.62 -9.43
N ARG A 202 -3.68 6.88 -9.52
CA ARG A 202 -3.18 8.04 -10.28
C ARG A 202 -3.55 7.87 -11.74
N ILE A 203 -3.24 6.71 -12.32
CA ILE A 203 -3.44 6.56 -13.75
C ILE A 203 -4.99 6.54 -14.03
N GLY A 204 -5.76 5.87 -13.17
CA GLY A 204 -7.24 5.74 -13.51
C GLY A 204 -7.94 7.05 -13.32
N LYS A 205 -7.46 7.85 -12.36
CA LYS A 205 -8.02 9.23 -12.23
C LYS A 205 -7.84 10.03 -13.48
N ALA A 206 -6.63 9.94 -14.04
CA ALA A 206 -6.35 10.66 -15.28
C ALA A 206 -7.21 10.20 -16.46
N ILE A 207 -7.39 8.89 -16.61
CA ILE A 207 -8.20 8.41 -17.70
C ILE A 207 -9.66 8.79 -17.45
N LEU A 208 -10.13 8.69 -16.23
CA LEU A 208 -11.59 8.96 -15.99
C LEU A 208 -11.93 10.44 -16.29
N LYS A 209 -10.93 11.33 -16.22
CA LYS A 209 -11.18 12.77 -16.55
C LYS A 209 -11.48 12.94 -18.05
N VAL A 210 -10.87 12.13 -18.89
CA VAL A 210 -11.08 12.31 -20.34
C VAL A 210 -12.06 11.32 -20.94
N ALA A 211 -12.32 10.25 -20.18
CA ALA A 211 -13.22 9.18 -20.62
C ALA A 211 -14.05 8.76 -19.42
N PRO A 212 -14.98 9.63 -18.97
CA PRO A 212 -15.64 9.30 -17.69
C PRO A 212 -16.60 8.11 -17.76
N HIS A 213 -17.00 7.78 -18.98
CA HIS A 213 -17.89 6.61 -19.25
C HIS A 213 -17.17 5.24 -19.25
N TRP A 214 -15.83 5.25 -19.21
CA TRP A 214 -15.07 3.97 -19.17
C TRP A 214 -15.04 3.23 -17.82
N LEU A 215 -14.56 1.99 -17.90
CA LEU A 215 -14.24 1.18 -16.72
C LEU A 215 -12.68 1.16 -16.63
N ILE A 216 -12.21 0.99 -15.42
CA ILE A 216 -10.76 0.95 -15.15
C ILE A 216 -10.54 -0.44 -14.65
N PHE A 217 -9.78 -1.24 -15.46
CA PHE A 217 -9.52 -2.61 -15.01
C PHE A 217 -8.11 -2.54 -14.37
N VAL A 218 -8.03 -3.06 -13.17
CA VAL A 218 -6.81 -3.06 -12.34
C VAL A 218 -6.39 -4.48 -12.04
N GLU A 219 -5.22 -4.88 -12.51
CA GLU A 219 -4.80 -6.25 -12.28
C GLU A 219 -4.07 -6.37 -10.92
N GLY A 220 -3.84 -7.60 -10.50
CA GLY A 220 -3.00 -7.89 -9.35
C GLY A 220 -1.52 -7.61 -9.63
N THR A 221 -0.70 -7.74 -8.62
CA THR A 221 0.78 -7.71 -8.89
C THR A 221 1.23 -9.15 -8.70
N GLN A 222 2.53 -9.37 -8.54
CA GLN A 222 2.99 -10.73 -8.17
C GLN A 222 3.13 -10.95 -6.66
N PHE A 223 3.84 -9.99 -6.04
CA PHE A 223 3.93 -9.95 -4.63
C PHE A 223 3.35 -8.60 -4.20
N THR A 224 2.96 -8.47 -2.97
CA THR A 224 2.26 -7.27 -2.50
C THR A 224 3.07 -6.64 -1.34
N ASN A 225 2.95 -7.17 -0.15
CA ASN A 225 3.82 -6.73 0.98
C ASN A 225 4.04 -7.94 1.81
N PRO A 226 5.06 -7.94 2.69
CA PRO A 226 5.40 -9.24 3.29
C PRO A 226 4.38 -9.75 4.28
N LYS A 227 3.64 -8.86 4.90
CA LYS A 227 2.63 -9.31 5.83
C LYS A 227 1.47 -10.02 5.13
N THR A 228 1.02 -9.42 4.05
CA THR A 228 -0.06 -10.00 3.23
C THR A 228 0.43 -11.34 2.62
N ASP A 229 1.56 -11.32 1.93
CA ASP A 229 1.99 -12.60 1.23
C ASP A 229 2.27 -13.75 2.21
N SER A 230 2.86 -13.43 3.37
CA SER A 230 3.06 -14.43 4.38
C SER A 230 1.80 -14.91 5.05
N SER A 231 0.68 -14.20 4.88
CA SER A 231 -0.49 -14.67 5.64
C SER A 231 -1.19 -15.91 5.06
N TYR A 232 -0.72 -16.37 3.91
CA TYR A 232 -1.32 -17.46 3.18
C TYR A 232 -0.20 -18.39 2.68
N LYS A 233 -0.40 -19.68 2.89
CA LYS A 233 0.66 -20.62 2.51
C LYS A 233 1.12 -20.54 1.09
N TRP A 234 0.20 -20.18 0.17
CA TRP A 234 0.60 -20.04 -1.21
C TRP A 234 0.70 -18.57 -1.61
N GLY A 235 0.96 -17.69 -0.63
CA GLY A 235 1.19 -16.27 -0.91
C GLY A 235 2.24 -15.82 -1.85
N TYR A 236 3.29 -16.65 -2.02
CA TYR A 236 4.39 -16.29 -2.83
C TYR A 236 4.32 -17.03 -4.16
N ASN A 237 3.19 -17.66 -4.41
CA ASN A 237 3.04 -18.45 -5.66
C ASN A 237 1.85 -18.00 -6.53
N ALA A 238 1.50 -16.70 -6.50
CA ALA A 238 0.50 -16.14 -7.47
C ALA A 238 1.19 -15.69 -8.73
N TRP A 239 0.42 -15.64 -9.82
CA TRP A 239 0.86 -15.29 -11.12
C TRP A 239 1.16 -13.83 -11.16
N TRP A 240 1.94 -13.47 -12.16
CA TRP A 240 2.04 -12.08 -12.58
C TRP A 240 0.63 -11.54 -12.90
N GLY A 241 0.37 -10.32 -12.42
CA GLY A 241 -0.97 -9.75 -12.44
C GLY A 241 -2.03 -10.51 -11.75
N GLY A 242 -1.63 -11.38 -10.85
CA GLY A 242 -2.48 -12.45 -10.28
C GLY A 242 -2.73 -12.43 -8.79
N ASN A 243 -2.00 -11.52 -8.09
CA ASN A 243 -2.04 -11.44 -6.66
C ASN A 243 -2.94 -10.25 -6.27
N LEU A 244 -4.15 -10.56 -5.78
CA LEU A 244 -5.06 -9.55 -5.32
C LEU A 244 -5.34 -9.75 -3.88
N MET A 245 -4.43 -10.41 -3.17
CA MET A 245 -4.64 -10.63 -1.75
C MET A 245 -4.63 -9.32 -0.92
N ALA A 246 -4.04 -8.28 -1.45
CA ALA A 246 -3.93 -7.02 -0.70
C ALA A 246 -5.13 -6.13 -0.88
N VAL A 247 -6.04 -6.50 -1.77
CA VAL A 247 -7.23 -5.66 -2.00
C VAL A 247 -8.02 -5.40 -0.68
N LYS A 248 -8.15 -6.41 0.18
CA LYS A 248 -8.94 -6.28 1.37
C LYS A 248 -8.50 -5.11 2.28
N ASP A 249 -7.22 -4.98 2.53
CA ASP A 249 -6.73 -4.03 3.48
C ASP A 249 -6.19 -2.80 2.73
N TYR A 250 -5.92 -3.00 1.42
CA TYR A 250 -5.41 -1.92 0.60
C TYR A 250 -6.14 -1.79 -0.72
N PRO A 251 -7.43 -1.45 -0.65
CA PRO A 251 -8.26 -1.37 -1.83
C PRO A 251 -7.83 -0.18 -2.69
N VAL A 252 -7.90 -0.29 -4.01
CA VAL A 252 -7.56 0.83 -4.87
C VAL A 252 -8.56 1.99 -4.65
N ASN A 253 -8.08 3.21 -4.50
CA ASN A 253 -8.94 4.33 -4.09
C ASN A 253 -9.52 4.99 -5.34
N LEU A 254 -10.48 4.27 -5.92
CA LEU A 254 -11.23 4.80 -7.07
C LEU A 254 -12.74 4.55 -6.89
N PRO A 255 -13.59 5.30 -7.59
CA PRO A 255 -15.06 5.10 -7.49
C PRO A 255 -15.44 3.57 -7.72
N LYS A 256 -16.18 2.91 -6.80
CA LYS A 256 -16.47 1.46 -6.89
C LYS A 256 -17.29 1.23 -8.16
N ASN A 257 -18.09 2.21 -8.56
CA ASN A 257 -18.90 1.99 -9.81
C ASN A 257 -18.08 2.10 -11.14
N LYS A 258 -16.78 2.35 -11.03
CA LYS A 258 -15.97 2.41 -12.24
C LYS A 258 -14.82 1.38 -12.23
N LEU A 259 -14.73 0.58 -11.20
CA LEU A 259 -13.53 -0.23 -10.96
C LEU A 259 -13.83 -1.73 -11.12
N VAL A 260 -12.95 -2.42 -11.86
CA VAL A 260 -13.01 -3.86 -12.04
C VAL A 260 -11.59 -4.37 -11.70
N TYR A 261 -11.53 -5.32 -10.78
CA TYR A 261 -10.27 -6.03 -10.49
C TYR A 261 -10.11 -7.14 -11.49
N SER A 262 -8.90 -7.30 -12.03
CA SER A 262 -8.74 -8.17 -13.16
C SER A 262 -7.44 -9.07 -13.03
N PRO A 263 -7.58 -10.21 -12.38
CA PRO A 263 -6.48 -11.10 -12.08
C PRO A 263 -6.21 -11.96 -13.30
N HIS A 264 -4.97 -12.42 -13.40
CA HIS A 264 -4.63 -13.45 -14.43
C HIS A 264 -4.38 -14.70 -13.67
N VAL A 265 -4.71 -15.85 -14.27
CA VAL A 265 -4.52 -17.08 -13.56
C VAL A 265 -4.18 -18.17 -14.63
N TYR A 266 -3.24 -19.05 -14.29
CA TYR A 266 -2.64 -19.94 -15.32
C TYR A 266 -2.39 -21.34 -14.77
N GLY A 267 -2.11 -22.30 -15.66
CA GLY A 267 -1.99 -23.71 -15.17
C GLY A 267 -0.58 -24.18 -15.44
N PRO A 268 -0.39 -25.50 -15.52
CA PRO A 268 0.99 -26.07 -15.37
C PRO A 268 1.82 -25.75 -16.57
N ASP A 269 1.16 -25.41 -17.68
CA ASP A 269 1.96 -25.03 -18.89
C ASP A 269 2.75 -23.72 -18.76
N VAL A 270 2.29 -22.85 -17.88
CA VAL A 270 2.97 -21.54 -17.70
C VAL A 270 4.07 -21.72 -16.62
N TYR A 271 3.74 -22.45 -15.56
CA TYR A 271 4.70 -22.70 -14.52
C TYR A 271 4.27 -23.88 -13.71
N ASN A 272 5.21 -24.80 -13.44
CA ASN A 272 4.94 -25.99 -12.72
C ASN A 272 4.89 -25.63 -11.23
N GLN A 273 3.76 -25.00 -10.84
CA GLN A 273 3.53 -24.70 -9.43
C GLN A 273 3.49 -25.92 -8.55
N PRO A 274 4.01 -25.79 -7.33
CA PRO A 274 4.10 -26.98 -6.49
C PRO A 274 2.70 -27.47 -6.22
N TYR A 275 1.73 -26.55 -6.32
CA TYR A 275 0.37 -26.93 -5.88
C TYR A 275 -0.34 -27.62 -7.04
N PHE A 276 0.34 -27.74 -8.16
CA PHE A 276 -0.18 -28.60 -9.21
C PHE A 276 0.19 -30.06 -9.03
N GLY A 277 0.86 -30.40 -7.92
CA GLY A 277 1.28 -31.76 -7.68
C GLY A 277 0.17 -32.49 -7.02
N PRO A 278 -0.12 -33.70 -7.46
CA PRO A 278 -1.14 -34.44 -6.79
C PRO A 278 -0.80 -34.64 -5.32
N ALA A 279 0.50 -34.71 -4.99
CA ALA A 279 0.89 -35.02 -3.60
C ALA A 279 0.48 -33.86 -2.73
N LYS A 280 0.46 -32.67 -3.32
CA LYS A 280 -0.06 -31.49 -2.62
C LYS A 280 -1.57 -31.18 -2.77
N GLY A 281 -2.37 -32.11 -3.31
CA GLY A 281 -3.83 -32.02 -3.34
C GLY A 281 -4.54 -31.65 -4.69
N PHE A 282 -3.76 -31.57 -5.77
CA PHE A 282 -4.25 -31.18 -7.09
C PHE A 282 -5.16 -32.26 -7.61
N PRO A 283 -6.31 -31.89 -8.24
CA PRO A 283 -6.81 -30.51 -8.51
C PRO A 283 -7.80 -29.99 -7.47
N ASP A 284 -8.21 -30.85 -6.54
CA ASP A 284 -9.12 -30.42 -5.52
C ASP A 284 -8.66 -29.27 -4.57
N ASN A 285 -7.35 -28.94 -4.54
CA ASN A 285 -6.87 -27.84 -3.73
C ASN A 285 -7.07 -26.46 -4.41
N LEU A 286 -7.43 -26.48 -5.69
CA LEU A 286 -7.40 -25.28 -6.44
C LEU A 286 -8.44 -24.23 -6.04
N PRO A 287 -9.71 -24.63 -5.81
CA PRO A 287 -10.71 -23.60 -5.50
C PRO A 287 -10.22 -22.69 -4.34
N ASP A 288 -9.56 -23.29 -3.36
CA ASP A 288 -9.19 -22.51 -2.21
C ASP A 288 -8.07 -21.57 -2.53
N ILE A 289 -7.17 -21.97 -3.46
CA ILE A 289 -6.11 -21.15 -3.86
C ILE A 289 -6.58 -19.98 -4.68
N TRP A 290 -7.44 -20.27 -5.68
CA TRP A 290 -8.02 -19.16 -6.48
C TRP A 290 -8.76 -18.21 -5.55
N TYR A 291 -9.46 -18.74 -4.61
CA TYR A 291 -10.30 -17.97 -3.65
C TYR A 291 -9.43 -17.00 -2.84
N HIS A 292 -8.32 -17.48 -2.28
CA HIS A 292 -7.37 -16.62 -1.63
C HIS A 292 -6.65 -15.61 -2.53
N HIS A 293 -6.10 -16.06 -3.65
CA HIS A 293 -5.44 -15.13 -4.48
C HIS A 293 -6.31 -14.02 -5.12
N PHE A 294 -7.57 -14.31 -5.46
CA PHE A 294 -8.43 -13.28 -6.14
C PHE A 294 -9.92 -13.48 -5.97
N GLY A 295 -10.35 -14.68 -5.70
CA GLY A 295 -11.78 -14.92 -5.93
C GLY A 295 -12.58 -14.26 -4.76
N TYR A 296 -11.96 -14.12 -3.58
CA TYR A 296 -12.67 -13.51 -2.40
C TYR A 296 -13.03 -12.05 -2.76
N VAL A 297 -12.32 -11.44 -3.71
CA VAL A 297 -12.52 -9.99 -4.03
C VAL A 297 -13.96 -9.77 -4.55
N LYS A 298 -14.49 -10.81 -5.17
CA LYS A 298 -15.85 -10.87 -5.64
C LYS A 298 -16.74 -11.52 -4.63
N LEU A 299 -16.36 -12.72 -4.15
CA LEU A 299 -17.27 -13.52 -3.33
C LEU A 299 -17.39 -12.98 -1.92
N GLU A 300 -16.36 -12.36 -1.41
CA GLU A 300 -16.48 -11.78 -0.08
C GLU A 300 -16.60 -10.26 -0.15
N LEU A 301 -15.83 -9.57 -1.00
CA LEU A 301 -15.86 -8.08 -1.00
C LEU A 301 -16.84 -7.44 -2.04
N GLY A 302 -17.35 -8.22 -2.99
CA GLY A 302 -18.49 -7.74 -3.80
C GLY A 302 -18.03 -6.88 -4.94
N TYR A 303 -16.72 -6.88 -5.30
CA TYR A 303 -16.32 -6.10 -6.46
C TYR A 303 -16.53 -6.88 -7.74
N SER A 304 -16.59 -6.25 -8.87
CA SER A 304 -16.57 -7.00 -10.11
C SER A 304 -15.13 -7.54 -10.20
N VAL A 305 -15.00 -8.81 -10.63
CA VAL A 305 -13.71 -9.48 -10.88
C VAL A 305 -13.74 -10.09 -12.22
N VAL A 306 -12.95 -9.55 -13.18
CA VAL A 306 -13.04 -10.11 -14.52
C VAL A 306 -11.68 -10.75 -14.80
N ILE A 307 -11.65 -12.05 -15.02
CA ILE A 307 -10.32 -12.69 -15.20
C ILE A 307 -9.76 -12.24 -16.56
N GLY A 308 -8.65 -11.52 -16.60
CA GLY A 308 -8.24 -10.89 -17.86
C GLY A 308 -7.35 -11.85 -18.71
N GLU A 309 -6.73 -12.84 -18.09
CA GLU A 309 -6.03 -13.92 -18.91
C GLU A 309 -6.14 -15.21 -18.19
N PHE A 310 -6.49 -16.29 -18.90
CA PHE A 310 -6.20 -17.64 -18.40
C PHE A 310 -6.14 -18.50 -19.64
N GLY A 311 -5.40 -19.63 -19.57
CA GLY A 311 -5.36 -20.47 -20.77
C GLY A 311 -4.26 -21.51 -20.59
N GLY A 312 -4.10 -22.34 -21.58
CA GLY A 312 -2.99 -23.29 -21.59
C GLY A 312 -3.23 -24.24 -22.76
N LYS A 313 -2.28 -25.16 -22.98
CA LYS A 313 -2.33 -26.03 -24.17
C LYS A 313 -3.34 -27.14 -24.14
N TYR A 314 -4.00 -27.36 -23.02
CA TYR A 314 -5.07 -28.33 -22.89
C TYR A 314 -4.60 -29.71 -23.41
N GLY A 315 -3.37 -30.12 -23.06
CA GLY A 315 -2.91 -31.44 -23.44
C GLY A 315 -2.40 -31.60 -24.89
N HIS A 316 -2.31 -30.50 -25.67
CA HIS A 316 -1.76 -30.50 -27.03
C HIS A 316 -0.25 -30.07 -27.04
N GLY A 317 0.63 -31.06 -26.85
CA GLY A 317 2.05 -30.80 -26.72
C GLY A 317 2.43 -29.99 -25.49
N GLY A 318 1.70 -30.21 -24.40
CA GLY A 318 1.90 -29.50 -23.19
C GLY A 318 1.82 -30.52 -22.08
N ASP A 319 1.75 -30.03 -20.86
CA ASP A 319 1.56 -30.87 -19.72
C ASP A 319 0.09 -31.33 -19.76
N PRO A 320 -0.15 -32.67 -19.74
CA PRO A 320 -1.56 -33.15 -19.78
C PRO A 320 -2.41 -32.77 -18.56
N ARG A 321 -1.81 -32.43 -17.43
CA ARG A 321 -2.57 -31.92 -16.29
C ARG A 321 -3.28 -30.61 -16.64
N ASP A 322 -2.82 -29.95 -17.68
CA ASP A 322 -3.48 -28.71 -18.03
C ASP A 322 -4.95 -28.98 -18.36
N VAL A 323 -5.25 -30.17 -18.93
CA VAL A 323 -6.65 -30.46 -19.22
C VAL A 323 -7.49 -30.44 -17.95
N ILE A 324 -6.96 -31.10 -16.92
CA ILE A 324 -7.59 -31.22 -15.64
C ILE A 324 -7.74 -29.80 -15.02
N TRP A 325 -6.64 -29.06 -15.11
CA TRP A 325 -6.59 -27.62 -14.62
C TRP A 325 -7.68 -26.72 -15.30
N GLN A 326 -7.69 -26.66 -16.64
CA GLN A 326 -8.72 -25.88 -17.29
C GLN A 326 -10.14 -26.35 -16.98
N ASN A 327 -10.44 -27.66 -16.89
CA ASN A 327 -11.80 -28.17 -16.47
C ASN A 327 -12.20 -27.68 -15.10
N LYS A 328 -11.26 -27.72 -14.18
CA LYS A 328 -11.54 -27.43 -12.80
C LYS A 328 -11.72 -25.92 -12.70
N LEU A 329 -10.98 -25.11 -13.47
CA LEU A 329 -11.14 -23.67 -13.36
C LEU A 329 -12.51 -23.30 -13.94
N VAL A 330 -12.81 -23.81 -15.13
CA VAL A 330 -14.16 -23.60 -15.69
C VAL A 330 -15.28 -24.09 -14.76
N ASP A 331 -15.17 -25.27 -14.18
CA ASP A 331 -16.18 -25.65 -13.18
C ASP A 331 -16.35 -24.57 -12.08
N TRP A 332 -15.22 -24.12 -11.55
CA TRP A 332 -15.23 -23.20 -10.39
C TRP A 332 -15.82 -21.81 -10.77
N MET A 333 -15.47 -21.35 -11.99
CA MET A 333 -16.00 -20.09 -12.50
C MET A 333 -17.52 -20.19 -12.64
N ILE A 334 -18.01 -21.39 -13.07
CA ILE A 334 -19.37 -21.56 -13.29
C ILE A 334 -20.05 -21.65 -11.90
N GLU A 335 -19.50 -22.40 -10.97
CA GLU A 335 -20.12 -22.55 -9.69
C GLU A 335 -20.26 -21.23 -8.92
N ASN A 336 -19.26 -20.38 -9.10
CA ASN A 336 -19.12 -19.11 -8.37
C ASN A 336 -19.54 -17.89 -9.17
N LYS A 337 -20.06 -18.14 -10.38
CA LYS A 337 -20.54 -17.10 -11.26
C LYS A 337 -19.47 -16.06 -11.63
N PHE A 338 -18.22 -16.49 -11.89
CA PHE A 338 -17.27 -15.63 -12.56
C PHE A 338 -17.61 -15.75 -14.02
N CYS A 339 -18.52 -14.90 -14.53
CA CYS A 339 -18.94 -15.16 -15.89
C CYS A 339 -18.27 -14.23 -16.89
N ASP A 340 -17.38 -13.33 -16.44
CA ASP A 340 -16.73 -12.35 -17.31
C ASP A 340 -15.27 -12.79 -17.39
N PHE A 341 -14.73 -12.90 -18.60
CA PHE A 341 -13.34 -13.37 -18.72
C PHE A 341 -12.75 -13.13 -20.08
N PHE A 342 -11.43 -13.15 -20.19
CA PHE A 342 -10.76 -13.09 -21.48
C PHE A 342 -9.75 -14.25 -21.53
N TYR A 343 -9.95 -15.14 -22.52
CA TYR A 343 -9.16 -16.34 -22.60
C TYR A 343 -7.83 -15.94 -23.27
N TRP A 344 -6.72 -16.56 -22.89
CA TRP A 344 -5.44 -16.25 -23.54
C TRP A 344 -5.02 -17.52 -24.28
N SER A 345 -4.99 -17.51 -25.63
CA SER A 345 -5.27 -16.39 -26.45
C SER A 345 -6.04 -16.92 -27.65
N TRP A 346 -6.57 -16.02 -28.45
CA TRP A 346 -7.14 -16.36 -29.77
C TRP A 346 -6.02 -17.01 -30.63
N ASN A 347 -4.84 -16.40 -30.56
CA ASN A 347 -3.69 -16.67 -31.41
C ASN A 347 -3.20 -18.05 -31.03
N PRO A 348 -2.68 -18.87 -31.99
CA PRO A 348 -1.92 -20.03 -31.53
C PRO A 348 -0.46 -19.73 -31.08
N ASP A 349 0.09 -18.58 -31.47
CA ASP A 349 1.58 -18.34 -31.36
C ASP A 349 1.98 -17.78 -29.99
N SER A 350 1.49 -18.45 -28.96
CA SER A 350 1.81 -18.12 -27.60
C SER A 350 2.53 -19.35 -27.08
N GLY A 351 3.79 -19.16 -26.72
CA GLY A 351 4.66 -20.33 -26.64
C GLY A 351 4.30 -21.23 -25.48
N ASP A 352 3.84 -20.68 -24.36
CA ASP A 352 3.53 -21.59 -23.25
C ASP A 352 2.07 -21.97 -23.05
N THR A 353 1.18 -21.47 -23.89
CA THR A 353 -0.25 -21.82 -23.74
C THR A 353 -0.95 -22.18 -25.09
N GLY A 354 -0.36 -21.89 -26.25
CA GLY A 354 -1.11 -22.06 -27.48
C GLY A 354 -2.36 -21.18 -27.34
N GLY A 355 -3.39 -21.50 -28.09
CA GLY A 355 -4.57 -20.63 -28.07
C GLY A 355 -5.80 -21.46 -28.51
N ILE A 356 -6.85 -20.74 -28.90
CA ILE A 356 -8.09 -21.40 -29.37
C ILE A 356 -7.88 -21.92 -30.78
N LEU A 357 -7.23 -21.09 -31.62
CA LEU A 357 -6.74 -21.55 -32.95
C LEU A 357 -5.55 -22.45 -32.85
N GLN A 358 -5.47 -23.41 -33.79
CA GLN A 358 -4.30 -24.26 -33.94
C GLN A 358 -3.25 -23.54 -34.78
N ASP A 359 -2.09 -24.17 -34.92
CA ASP A 359 -0.93 -23.56 -35.58
C ASP A 359 -1.25 -23.19 -36.99
N ASP A 360 -2.22 -23.85 -37.64
CA ASP A 360 -2.61 -23.34 -39.01
C ASP A 360 -3.30 -21.98 -39.07
N TRP A 361 -3.48 -21.31 -37.93
CA TRP A 361 -4.25 -20.09 -37.89
C TRP A 361 -5.68 -20.17 -38.42
N THR A 362 -6.23 -21.36 -38.60
CA THR A 362 -7.56 -21.54 -39.26
C THR A 362 -8.56 -22.41 -38.49
N THR A 363 -8.09 -23.56 -38.02
CA THR A 363 -8.86 -24.53 -37.33
C THR A 363 -8.74 -24.36 -35.80
N ILE A 364 -9.85 -24.47 -35.06
CA ILE A 364 -9.77 -24.46 -33.58
C ILE A 364 -9.46 -25.80 -32.97
N TRP A 365 -8.88 -25.79 -31.76
CA TRP A 365 -8.88 -26.97 -30.88
C TRP A 365 -10.29 -27.24 -30.36
N GLU A 366 -10.96 -28.26 -30.89
CA GLU A 366 -12.33 -28.48 -30.54
C GLU A 366 -12.55 -28.76 -29.01
N ASP A 367 -11.63 -29.52 -28.44
CA ASP A 367 -11.77 -29.92 -27.05
C ASP A 367 -11.52 -28.71 -26.15
N LYS A 368 -10.40 -27.99 -26.36
CA LYS A 368 -10.15 -26.78 -25.50
C LYS A 368 -11.32 -25.81 -25.56
N TYR A 369 -11.77 -25.61 -26.79
CA TYR A 369 -12.92 -24.72 -26.99
C TYR A 369 -14.22 -25.26 -26.33
N ASN A 370 -14.56 -26.53 -26.53
CA ASN A 370 -15.81 -27.11 -25.94
C ASN A 370 -15.83 -26.95 -24.42
N ASN A 371 -14.66 -27.13 -23.77
CA ASN A 371 -14.57 -26.94 -22.33
C ASN A 371 -14.86 -25.48 -22.00
N LEU A 372 -14.26 -24.56 -22.70
CA LEU A 372 -14.54 -23.11 -22.39
C LEU A 372 -15.98 -22.71 -22.67
N LYS A 373 -16.55 -23.34 -23.70
CA LYS A 373 -17.89 -22.98 -24.16
C LYS A 373 -18.89 -23.22 -23.06
N ARG A 374 -18.58 -24.10 -22.11
CA ARG A 374 -19.50 -24.29 -21.00
C ARG A 374 -19.78 -22.96 -20.25
N LEU A 375 -18.87 -21.96 -20.33
CA LEU A 375 -19.03 -20.68 -19.63
C LEU A 375 -20.01 -19.78 -20.35
N MET A 376 -20.12 -20.04 -21.61
CA MET A 376 -20.90 -19.28 -22.56
C MET A 376 -22.27 -19.91 -22.58
N ASP A 377 -22.36 -21.15 -22.11
CA ASP A 377 -23.61 -21.91 -22.09
C ASP A 377 -23.41 -23.26 -22.84
N GLN B 1 39.15 31.68 0.54
CA GLN B 1 39.25 30.29 1.09
C GLN B 1 37.90 29.58 0.94
N THR B 2 36.83 30.32 1.17
CA THR B 2 35.47 29.75 1.28
C THR B 2 34.28 30.74 1.10
N PRO B 3 33.22 30.30 0.42
CA PRO B 3 31.96 31.08 0.33
C PRO B 3 31.07 31.13 1.61
N THR B 4 31.23 30.17 2.53
CA THR B 4 30.33 29.99 3.70
C THR B 4 30.88 30.56 4.98
N GLY B 5 32.15 30.94 4.96
CA GLY B 5 32.82 31.28 6.21
C GLY B 5 33.42 30.06 6.87
N ILE B 6 33.21 28.89 6.28
CA ILE B 6 33.64 27.62 6.85
C ILE B 6 34.51 26.80 5.90
N TYR B 7 35.51 26.14 6.45
CA TYR B 7 36.57 25.55 5.63
C TYR B 7 36.93 24.17 6.17
N TYR B 8 36.93 23.15 5.32
CA TYR B 8 37.28 21.78 5.72
C TYR B 8 38.65 21.30 5.21
N GLU B 9 39.32 20.48 6.01
CA GLU B 9 40.68 20.03 5.71
C GLU B 9 41.11 18.86 6.57
N VAL B 10 41.84 17.94 5.97
CA VAL B 10 42.43 16.78 6.60
C VAL B 10 43.82 17.15 7.11
N ARG B 11 43.94 17.51 8.41
CA ARG B 11 45.26 17.73 9.10
C ARG B 11 45.53 16.37 9.64
N GLY B 12 46.51 15.69 9.05
CA GLY B 12 46.91 14.38 9.52
C GLY B 12 45.99 13.39 8.90
N ASP B 13 45.42 12.47 9.69
CA ASP B 13 44.32 11.63 9.26
C ASP B 13 43.00 12.12 9.89
N THR B 14 42.98 13.40 10.28
CA THR B 14 41.79 13.93 10.91
C THR B 14 41.10 15.00 10.10
N ILE B 15 39.78 14.88 9.98
CA ILE B 15 39.04 15.98 9.36
C ILE B 15 38.91 17.13 10.33
N TYR B 16 39.27 18.32 9.90
CA TYR B 16 39.13 19.49 10.75
C TYR B 16 38.20 20.49 10.11
N MET B 17 37.52 21.25 10.92
CA MET B 17 36.67 22.28 10.44
C MET B 17 37.12 23.65 10.91
N ILE B 18 37.26 24.57 9.96
CA ILE B 18 37.66 25.92 10.32
C ILE B 18 36.56 26.92 10.11
N ASN B 19 36.40 27.78 11.10
CA ASN B 19 35.51 28.86 11.00
C ASN B 19 36.28 30.18 10.90
N VAL B 20 36.35 30.77 9.70
CA VAL B 20 37.20 31.96 9.48
C VAL B 20 36.78 33.25 10.15
N THR B 21 35.55 33.33 10.67
CA THR B 21 35.03 34.56 11.27
C THR B 21 35.32 34.66 12.78
N SER B 22 35.09 33.55 13.47
CA SER B 22 35.47 33.52 14.87
C SER B 22 36.90 32.96 15.07
N GLY B 23 37.47 32.34 14.03
CA GLY B 23 38.84 31.82 14.13
C GLY B 23 38.90 30.37 14.65
N GLU B 24 37.75 29.84 15.03
CA GLU B 24 37.69 28.55 15.68
C GLU B 24 38.10 27.42 14.73
N GLU B 25 38.98 26.57 15.19
CA GLU B 25 39.29 25.38 14.41
C GLU B 25 39.25 24.19 15.34
N THR B 26 38.63 23.10 14.90
CA THR B 26 38.52 21.87 15.66
C THR B 26 38.44 20.64 14.81
N PRO B 27 38.87 19.51 15.39
CA PRO B 27 38.72 18.26 14.71
C PRO B 27 37.21 17.99 14.69
N ILE B 28 36.70 17.41 13.60
CA ILE B 28 35.34 16.92 13.61
C ILE B 28 35.35 15.44 13.37
N HIS B 29 34.28 14.79 13.81
CA HIS B 29 34.12 13.37 13.54
C HIS B 29 32.73 13.17 12.91
N LEU B 30 32.63 12.23 11.96
CA LEU B 30 31.37 11.98 11.22
C LEU B 30 30.67 10.77 11.70
N PHE B 31 29.64 11.00 12.50
CA PHE B 31 28.74 9.94 12.85
C PHE B 31 27.54 10.00 11.88
N GLY B 32 27.57 9.16 10.84
CA GLY B 32 26.76 9.48 9.63
C GLY B 32 25.86 8.31 9.29
N VAL B 33 24.74 8.64 8.65
CA VAL B 33 23.82 7.59 8.13
C VAL B 33 23.59 7.97 6.67
N ASN B 34 23.28 6.94 5.86
CA ASN B 34 22.80 7.15 4.50
C ASN B 34 21.29 7.29 4.46
N TRP B 35 20.85 8.36 3.86
CA TRP B 35 19.37 8.52 3.72
C TRP B 35 19.14 8.64 2.23
N PHE B 36 18.80 7.51 1.62
CA PHE B 36 18.71 7.45 0.18
C PHE B 36 17.25 7.64 -0.33
N GLY B 37 17.20 7.95 -1.61
CA GLY B 37 15.95 8.01 -2.39
C GLY B 37 16.12 9.03 -3.52
N PHE B 38 17.04 9.98 -3.39
CA PHE B 38 17.22 10.92 -4.52
C PHE B 38 17.79 10.28 -5.75
N GLU B 39 18.31 9.07 -5.56
CA GLU B 39 18.96 8.38 -6.67
C GLU B 39 18.04 7.31 -7.22
N THR B 40 16.80 7.24 -6.72
CA THR B 40 15.84 6.26 -7.15
C THR B 40 14.73 6.93 -8.00
N PRO B 41 13.83 6.13 -8.63
CA PRO B 41 12.63 6.76 -9.28
C PRO B 41 11.78 7.75 -8.48
N ASN B 42 11.97 7.82 -7.17
CA ASN B 42 11.15 8.72 -6.32
C ASN B 42 11.65 10.12 -6.46
N HIS B 43 12.94 10.21 -6.77
CA HIS B 43 13.64 11.50 -6.88
C HIS B 43 13.51 12.29 -5.60
N VAL B 44 13.38 11.55 -4.50
CA VAL B 44 13.43 12.16 -3.22
C VAL B 44 13.79 11.10 -2.22
N VAL B 45 14.34 11.54 -1.06
CA VAL B 45 14.64 10.57 0.00
C VAL B 45 13.38 9.79 0.33
N HIS B 46 13.47 8.50 0.51
CA HIS B 46 12.30 7.75 0.91
C HIS B 46 11.77 8.09 2.32
N GLY B 47 10.51 7.72 2.54
CA GLY B 47 9.93 7.73 3.87
C GLY B 47 8.92 8.85 4.02
N LEU B 48 8.92 9.81 3.11
CA LEU B 48 8.10 11.03 3.24
C LEU B 48 6.59 10.74 2.94
N TRP B 49 6.30 9.48 2.61
CA TRP B 49 4.95 9.05 2.44
C TRP B 49 4.52 8.68 3.84
N LYS B 50 5.47 8.50 4.71
CA LYS B 50 5.14 8.03 6.06
C LYS B 50 5.49 9.07 7.11
N ARG B 51 6.38 9.99 6.76
CA ARG B 51 7.02 10.77 7.84
C ARG B 51 7.18 12.22 7.39
N ASN B 52 7.26 13.18 8.33
CA ASN B 52 7.55 14.54 7.93
C ASN B 52 9.08 14.66 7.88
N TRP B 53 9.58 15.40 6.93
CA TRP B 53 11.01 15.40 6.62
C TRP B 53 11.87 16.07 7.72
N GLU B 54 11.29 17.06 8.45
CA GLU B 54 12.02 17.68 9.53
C GLU B 54 12.05 16.73 10.68
N ASP B 55 10.91 16.06 10.94
CA ASP B 55 10.89 15.09 12.00
C ASP B 55 11.98 14.07 11.67
N MET B 56 12.14 13.74 10.39
CA MET B 56 13.18 12.69 10.08
C MET B 56 14.63 13.16 10.58
N LEU B 57 15.00 14.34 10.16
CA LEU B 57 16.27 14.98 10.61
C LEU B 57 16.40 15.09 12.11
N LEU B 58 15.29 15.50 12.77
CA LEU B 58 15.33 15.63 14.22
C LEU B 58 15.57 14.30 14.82
N GLN B 59 14.97 13.26 14.23
CA GLN B 59 15.12 11.95 14.81
C GLN B 59 16.58 11.49 14.62
N ILE B 60 17.08 11.75 13.45
CA ILE B 60 18.48 11.33 13.16
C ILE B 60 19.43 11.99 14.17
N LYS B 61 19.22 13.28 14.35
CA LYS B 61 19.97 14.03 15.38
C LYS B 61 19.74 13.50 16.77
N SER B 62 18.51 13.11 17.10
CA SER B 62 18.24 12.66 18.46
C SER B 62 18.99 11.34 18.73
N LEU B 63 19.28 10.56 17.69
CA LEU B 63 19.99 9.30 17.92
C LEU B 63 21.52 9.48 17.99
N GLY B 64 21.98 10.71 17.76
CA GLY B 64 23.40 10.99 18.00
C GLY B 64 24.25 11.11 16.73
N PHE B 65 23.62 10.94 15.56
CA PHE B 65 24.25 11.21 14.28
C PHE B 65 24.39 12.70 14.05
N ASN B 66 25.47 13.08 13.38
CA ASN B 66 25.67 14.49 13.02
C ASN B 66 26.06 14.64 11.56
N ALA B 67 25.78 13.61 10.77
CA ALA B 67 26.14 13.65 9.38
C ALA B 67 25.21 12.77 8.51
N ILE B 68 24.96 13.25 7.32
CA ILE B 68 24.13 12.51 6.39
C ILE B 68 24.84 12.32 5.05
N ARG B 69 24.92 11.07 4.62
CA ARG B 69 25.39 10.82 3.28
C ARG B 69 24.12 10.79 2.44
N LEU B 70 24.04 11.71 1.47
CA LEU B 70 22.88 11.88 0.58
C LEU B 70 23.11 11.55 -0.89
N PRO B 71 22.78 10.33 -1.28
CA PRO B 71 22.96 9.80 -2.66
C PRO B 71 22.01 10.53 -3.63
N PHE B 72 22.48 10.81 -4.84
CA PHE B 72 21.62 11.46 -5.82
C PHE B 72 21.87 10.83 -7.18
N CYS B 73 20.93 11.02 -8.12
CA CYS B 73 21.21 10.70 -9.52
C CYS B 73 21.13 11.97 -10.41
N THR B 74 21.76 11.92 -11.60
CA THR B 74 21.93 13.11 -12.46
C THR B 74 20.70 14.03 -12.58
N GLU B 75 19.50 13.45 -12.48
CA GLU B 75 18.24 14.11 -12.85
C GLU B 75 17.61 14.75 -11.60
N SER B 76 17.80 14.08 -10.46
CA SER B 76 17.30 14.61 -9.17
C SER B 76 17.88 15.98 -8.84
N VAL B 77 19.07 16.24 -9.35
CA VAL B 77 19.73 17.53 -9.20
C VAL B 77 19.65 18.43 -10.41
N LYS B 78 18.74 18.18 -11.38
CA LYS B 78 18.48 19.20 -12.39
C LYS B 78 17.17 19.96 -12.12
N PRO B 79 17.09 21.24 -12.50
CA PRO B 79 15.79 21.90 -12.24
C PRO B 79 14.61 21.15 -12.85
N GLY B 80 13.48 21.08 -12.15
CA GLY B 80 12.23 20.68 -12.77
C GLY B 80 11.80 19.25 -12.54
N THR B 81 12.54 18.49 -11.74
CA THR B 81 12.34 17.03 -11.70
C THR B 81 11.36 16.70 -10.59
N GLN B 82 10.20 16.19 -10.95
CA GLN B 82 9.13 16.07 -9.94
C GLN B 82 9.39 14.83 -9.10
N PRO B 83 9.14 14.92 -7.81
CA PRO B 83 9.40 13.73 -7.02
C PRO B 83 8.14 12.95 -6.82
N ILE B 84 8.26 11.67 -6.48
CA ILE B 84 7.05 10.91 -6.25
C ILE B 84 7.19 10.30 -4.85
N GLY B 85 6.12 10.35 -4.06
CA GLY B 85 6.09 9.61 -2.81
C GLY B 85 6.21 10.45 -1.58
N ILE B 86 5.45 11.57 -1.57
CA ILE B 86 5.44 12.49 -0.43
C ILE B 86 3.99 12.66 0.06
N ASP B 87 3.73 12.28 1.30
CA ASP B 87 2.50 12.64 1.94
C ASP B 87 2.55 14.18 2.25
N TYR B 88 1.93 15.00 1.41
CA TYR B 88 1.86 16.46 1.67
C TYR B 88 1.03 16.90 2.89
N SER B 89 0.07 16.11 3.30
CA SER B 89 -0.63 16.46 4.53
C SER B 89 0.40 16.41 5.63
N LYS B 90 1.56 15.86 5.27
CA LYS B 90 2.66 15.64 6.19
C LYS B 90 3.88 16.51 5.88
N ASN B 91 3.97 16.97 4.63
CA ASN B 91 5.04 17.81 4.18
C ASN B 91 4.55 18.96 3.35
N PRO B 92 3.66 19.82 3.92
CA PRO B 92 3.06 20.91 3.14
C PRO B 92 4.06 21.88 2.56
N ASP B 93 5.19 22.13 3.25
CA ASP B 93 6.20 23.04 2.73
C ASP B 93 6.87 22.56 1.47
N LEU B 94 6.60 21.30 1.14
CA LEU B 94 7.21 20.64 -0.02
C LEU B 94 6.28 20.71 -1.25
N ARG B 95 4.95 20.83 -1.00
CA ARG B 95 4.01 20.98 -2.11
C ARG B 95 4.59 21.97 -3.10
N GLY B 96 4.66 21.62 -4.38
CA GLY B 96 5.10 22.57 -5.45
C GLY B 96 6.58 22.42 -5.74
N LEU B 97 7.33 21.94 -4.75
CA LEU B 97 8.77 21.90 -4.86
C LEU B 97 9.12 20.71 -5.75
N ASP B 98 10.10 20.92 -6.63
CA ASP B 98 10.76 19.81 -7.34
C ASP B 98 11.93 19.23 -6.49
N SER B 99 12.55 18.16 -7.02
CA SER B 99 13.54 17.40 -6.26
C SER B 99 14.69 18.27 -5.78
N LEU B 100 15.07 19.25 -6.61
CA LEU B 100 16.14 20.11 -6.22
C LEU B 100 15.81 20.98 -5.00
N GLN B 101 14.70 21.70 -5.07
CA GLN B 101 14.23 22.49 -3.97
C GLN B 101 14.08 21.69 -2.71
N ILE B 102 13.77 20.40 -2.82
CA ILE B 102 13.65 19.63 -1.60
C ILE B 102 15.06 19.36 -1.02
N MET B 103 16.01 18.99 -1.88
CA MET B 103 17.43 18.81 -1.47
C MET B 103 17.99 20.05 -0.77
N GLU B 104 17.84 21.19 -1.41
CA GLU B 104 18.28 22.45 -0.76
C GLU B 104 17.67 22.71 0.64
N LYS B 105 16.38 22.53 0.75
CA LYS B 105 15.71 22.77 2.00
C LYS B 105 16.16 21.74 3.05
N ILE B 106 16.35 20.48 2.64
CA ILE B 106 16.77 19.44 3.56
C ILE B 106 18.19 19.75 4.09
N ILE B 107 19.10 20.12 3.19
CA ILE B 107 20.53 20.38 3.56
C ILE B 107 20.67 21.65 4.40
N LYS B 108 19.91 22.68 4.04
CA LYS B 108 19.76 23.85 4.90
C LYS B 108 19.20 23.66 6.32
N LYS B 109 18.16 22.83 6.47
CA LYS B 109 17.69 22.48 7.80
C LYS B 109 18.67 21.60 8.53
N ALA B 110 19.32 20.72 7.78
CA ALA B 110 20.39 19.94 8.37
C ALA B 110 21.44 20.88 9.07
N GLY B 111 21.81 21.95 8.36
CA GLY B 111 22.74 22.98 8.86
C GLY B 111 22.29 23.58 10.18
N ASP B 112 21.02 23.91 10.23
CA ASP B 112 20.42 24.41 11.45
C ASP B 112 20.59 23.52 12.68
N LEU B 113 20.50 22.18 12.47
CA LEU B 113 20.66 21.19 13.50
C LEU B 113 22.13 20.75 13.64
N GLY B 114 23.06 21.41 12.94
CA GLY B 114 24.45 21.07 12.97
C GLY B 114 24.77 19.69 12.41
N ILE B 115 24.04 19.29 11.35
CA ILE B 115 24.31 18.02 10.71
C ILE B 115 25.17 18.28 9.47
N PHE B 116 26.32 17.62 9.36
CA PHE B 116 27.11 17.72 8.08
C PHE B 116 26.45 16.96 6.97
N VAL B 117 26.62 17.43 5.73
CA VAL B 117 26.14 16.62 4.63
C VAL B 117 27.21 16.23 3.62
N LEU B 118 27.21 14.96 3.22
CA LEU B 118 28.13 14.45 2.20
C LEU B 118 27.31 14.13 0.93
N LEU B 119 27.54 14.87 -0.12
CA LEU B 119 26.86 14.57 -1.44
C LEU B 119 27.50 13.45 -2.29
N ASP B 120 26.74 12.40 -2.51
CA ASP B 120 27.18 11.19 -3.15
C ASP B 120 26.47 11.04 -4.52
N TYR B 121 27.23 11.15 -5.60
CA TYR B 121 26.68 10.95 -6.97
C TYR B 121 26.56 9.44 -7.15
N HIS B 122 25.42 8.88 -6.81
CA HIS B 122 25.32 7.44 -6.62
C HIS B 122 25.02 6.65 -7.89
N ARG B 123 24.35 7.34 -8.82
CA ARG B 123 23.83 6.75 -10.06
C ARG B 123 23.85 7.81 -11.14
N ILE B 124 24.25 7.40 -12.34
CA ILE B 124 24.11 8.28 -13.51
C ILE B 124 22.61 8.23 -13.95
N GLY B 125 22.05 7.04 -14.17
CA GLY B 125 20.58 6.99 -14.40
C GLY B 125 19.98 7.09 -13.00
N CYS B 126 18.77 6.57 -12.85
CA CYS B 126 18.17 6.45 -11.51
C CYS B 126 17.58 5.07 -11.22
N THR B 127 18.13 4.03 -11.86
CA THR B 127 17.71 2.65 -11.61
C THR B 127 18.78 1.73 -10.99
N HIS B 128 20.05 2.04 -11.20
CA HIS B 128 21.09 1.14 -10.76
C HIS B 128 22.43 1.81 -10.86
N ILE B 129 23.42 1.21 -10.18
CA ILE B 129 24.73 1.76 -10.08
C ILE B 129 25.57 1.34 -11.30
N GLU B 130 26.09 2.31 -12.06
CA GLU B 130 26.93 1.99 -13.21
C GLU B 130 28.38 1.61 -12.85
N PRO B 131 28.88 0.48 -13.40
CA PRO B 131 30.24 0.04 -13.03
C PRO B 131 31.28 1.13 -13.29
N LEU B 132 31.03 2.00 -14.28
CA LEU B 132 31.95 3.10 -14.61
C LEU B 132 31.34 4.47 -14.38
N TRP B 133 32.14 5.53 -14.58
CA TRP B 133 31.65 6.91 -14.46
C TRP B 133 31.19 7.52 -15.77
N TYR B 134 30.84 6.66 -16.73
CA TYR B 134 30.14 7.06 -17.96
C TYR B 134 29.43 5.82 -18.52
N THR B 135 28.51 6.02 -19.46
CA THR B 135 27.79 4.93 -20.14
C THR B 135 27.73 5.20 -21.66
N GLU B 136 26.88 4.44 -22.35
CA GLU B 136 26.66 4.69 -23.78
C GLU B 136 26.50 6.18 -24.02
N ASP B 137 25.41 6.79 -23.55
CA ASP B 137 25.22 8.21 -23.87
C ASP B 137 25.33 9.21 -22.70
N PHE B 138 26.14 8.87 -21.70
CA PHE B 138 26.53 9.88 -20.72
C PHE B 138 28.06 9.94 -20.59
N SER B 139 28.61 11.14 -20.83
CA SER B 139 30.05 11.35 -20.94
C SER B 139 30.75 11.79 -19.66
N GLU B 140 31.93 11.22 -19.37
CA GLU B 140 32.81 11.84 -18.33
C GLU B 140 32.66 13.39 -18.28
N GLU B 141 32.72 14.03 -19.44
CA GLU B 141 32.54 15.48 -19.58
C GLU B 141 31.15 15.92 -19.06
N ASP B 142 30.18 15.01 -19.15
CA ASP B 142 28.82 15.22 -18.67
C ASP B 142 28.72 14.92 -17.16
N PHE B 143 29.42 13.88 -16.74
CA PHE B 143 29.55 13.54 -15.32
C PHE B 143 30.23 14.66 -14.57
N ILE B 144 31.28 15.25 -15.17
CA ILE B 144 32.01 16.35 -14.54
C ILE B 144 31.18 17.60 -14.45
N ASN B 145 30.44 17.90 -15.51
CA ASN B 145 29.57 19.06 -15.51
C ASN B 145 28.43 19.04 -14.49
N THR B 146 27.79 17.87 -14.36
CA THR B 146 26.88 17.63 -13.24
C THR B 146 27.58 18.02 -11.95
N TRP B 147 28.82 17.49 -11.76
CA TRP B 147 29.62 17.84 -10.55
C TRP B 147 29.93 19.33 -10.39
N ILE B 148 30.26 20.04 -11.47
CA ILE B 148 30.54 21.47 -11.29
C ILE B 148 29.24 22.23 -10.94
N GLU B 149 28.12 21.72 -11.44
CA GLU B 149 26.85 22.42 -11.20
C GLU B 149 26.44 22.21 -9.74
N VAL B 150 26.66 20.99 -9.28
CA VAL B 150 26.30 20.60 -7.92
C VAL B 150 27.18 21.27 -6.91
N ALA B 151 28.47 21.39 -7.24
CA ALA B 151 29.44 22.09 -6.37
C ALA B 151 29.22 23.60 -6.35
N LYS B 152 28.82 24.21 -7.44
CA LYS B 152 28.65 25.68 -7.38
C LYS B 152 27.37 25.98 -6.55
N ARG B 153 26.43 25.06 -6.55
CA ARG B 153 25.20 25.40 -5.86
C ARG B 153 25.30 25.09 -4.36
N PHE B 154 25.55 23.83 -4.06
CA PHE B 154 25.63 23.43 -2.65
C PHE B 154 26.95 23.84 -1.96
N GLY B 155 27.90 24.34 -2.75
CA GLY B 155 29.12 24.95 -2.20
C GLY B 155 28.73 26.05 -1.21
N LYS B 156 27.57 26.66 -1.44
CA LYS B 156 27.14 27.81 -0.62
C LYS B 156 26.54 27.33 0.71
N TYR B 157 26.40 26.03 0.91
CA TYR B 157 25.81 25.60 2.19
C TYR B 157 26.91 25.15 3.17
N TRP B 158 27.10 25.90 4.25
CA TRP B 158 28.18 25.68 5.28
C TRP B 158 28.43 24.23 5.68
N ASN B 159 27.37 23.47 5.92
CA ASN B 159 27.51 22.15 6.50
C ASN B 159 27.74 21.11 5.45
N VAL B 160 27.78 21.49 4.15
CA VAL B 160 28.06 20.44 3.16
C VAL B 160 29.59 20.31 3.21
N ILE B 161 30.13 19.12 3.38
CA ILE B 161 31.56 19.03 3.66
C ILE B 161 32.36 18.60 2.42
N GLY B 162 31.66 18.12 1.39
CA GLY B 162 32.27 17.81 0.07
C GLY B 162 31.56 16.72 -0.75
N ALA B 163 32.34 15.98 -1.54
CA ALA B 163 31.79 15.16 -2.61
C ALA B 163 32.34 13.76 -2.66
N ASP B 164 31.52 12.72 -2.46
CA ASP B 164 31.90 11.35 -2.77
C ASP B 164 31.68 11.21 -4.35
N LEU B 165 32.80 11.16 -5.09
CA LEU B 165 32.80 11.27 -6.60
C LEU B 165 31.87 10.30 -7.30
N LYS B 166 31.90 9.01 -6.95
CA LYS B 166 30.99 8.04 -7.60
C LYS B 166 30.70 6.85 -6.73
N ASN B 167 29.43 6.59 -6.46
CA ASN B 167 29.13 5.43 -5.69
C ASN B 167 29.68 4.17 -6.41
N GLU B 168 30.41 3.36 -5.67
CA GLU B 168 30.65 1.98 -6.01
C GLU B 168 31.16 1.68 -7.45
N PRO B 169 32.28 2.32 -7.85
CA PRO B 169 33.08 1.79 -8.96
C PRO B 169 33.10 0.26 -8.88
N HIS B 170 32.67 -0.45 -9.93
CA HIS B 170 32.79 -1.91 -9.86
C HIS B 170 33.00 -2.63 -11.23
N SER B 171 32.52 -3.85 -11.35
CA SER B 171 32.71 -4.63 -12.57
C SER B 171 31.50 -5.50 -12.90
N VAL B 172 31.38 -5.88 -14.15
CA VAL B 172 30.25 -6.70 -14.59
C VAL B 172 30.73 -7.99 -15.23
N THR B 173 32.04 -8.21 -15.19
CA THR B 173 32.63 -9.48 -15.57
C THR B 173 33.63 -10.02 -14.53
N SER B 174 34.14 -11.21 -14.80
CA SER B 174 35.16 -11.84 -13.98
C SER B 174 36.55 -11.49 -14.51
N PRO B 175 37.59 -11.66 -13.67
CA PRO B 175 38.98 -11.39 -14.05
C PRO B 175 39.59 -12.52 -14.87
N PRO B 176 40.62 -12.22 -15.68
CA PRO B 176 41.22 -10.92 -15.91
C PRO B 176 40.56 -10.21 -17.07
N ALA B 177 39.40 -10.71 -17.50
CA ALA B 177 38.67 -10.05 -18.58
C ALA B 177 38.23 -8.65 -18.12
N ALA B 178 37.96 -8.52 -16.82
CA ALA B 178 37.49 -7.23 -16.32
C ALA B 178 38.55 -6.11 -16.42
N TYR B 179 39.80 -6.47 -16.72
CA TYR B 179 40.94 -5.57 -16.57
C TYR B 179 41.25 -4.61 -17.75
N THR B 180 40.75 -4.97 -18.93
CA THR B 180 41.00 -4.22 -20.18
C THR B 180 39.79 -4.33 -21.13
N ASP B 181 38.87 -5.24 -20.80
CA ASP B 181 37.63 -5.41 -21.55
C ASP B 181 36.86 -4.09 -21.67
N GLY B 182 37.18 -3.11 -20.84
CA GLY B 182 36.52 -1.80 -20.92
C GLY B 182 35.13 -1.67 -20.29
N THR B 183 34.63 -2.72 -19.64
CA THR B 183 33.23 -2.75 -19.16
C THR B 183 33.08 -2.44 -17.68
N GLY B 184 34.21 -2.45 -16.98
CA GLY B 184 34.20 -2.36 -15.54
C GLY B 184 35.27 -1.39 -15.10
N ALA B 185 35.30 -1.12 -13.79
CA ALA B 185 36.20 -0.15 -13.25
C ALA B 185 37.51 -0.84 -12.85
N THR B 186 38.63 -0.14 -13.07
CA THR B 186 39.95 -0.65 -12.74
C THR B 186 40.80 0.45 -12.10
N TRP B 187 41.69 0.02 -11.21
CA TRP B 187 42.73 0.88 -10.63
C TRP B 187 44.13 0.30 -10.92
N GLY B 188 45.06 1.16 -11.33
CA GLY B 188 46.40 0.70 -11.63
C GLY B 188 46.46 -0.39 -12.70
N MET B 189 45.72 -0.19 -13.79
CA MET B 189 45.90 -1.02 -14.97
C MET B 189 46.70 -0.20 -15.93
N GLY B 190 46.56 1.13 -15.81
CA GLY B 190 47.21 2.08 -16.70
C GLY B 190 46.33 2.49 -17.89
N ASN B 191 45.03 2.30 -17.74
CA ASN B 191 44.05 2.54 -18.79
C ASN B 191 43.14 3.74 -18.48
N PRO B 192 43.42 4.91 -19.08
CA PRO B 192 42.52 6.07 -18.88
C PRO B 192 41.03 5.79 -19.14
N ALA B 193 40.73 4.66 -19.77
CA ALA B 193 39.34 4.30 -20.01
C ALA B 193 38.64 3.68 -18.79
N THR B 194 39.38 2.93 -17.95
CA THR B 194 38.75 2.36 -16.73
C THR B 194 39.36 2.81 -15.40
N ASP B 195 40.39 3.67 -15.46
CA ASP B 195 41.17 3.99 -14.26
C ASP B 195 40.50 4.95 -13.30
N TRP B 196 39.84 4.36 -12.29
CA TRP B 196 39.15 5.12 -11.24
C TRP B 196 40.08 6.12 -10.57
N ASN B 197 41.21 5.62 -10.09
CA ASN B 197 42.18 6.48 -9.41
C ASN B 197 42.51 7.65 -10.27
N LEU B 198 42.56 7.37 -11.57
CA LEU B 198 42.86 8.35 -12.63
C LEU B 198 41.68 9.34 -12.82
N ALA B 199 40.48 8.80 -13.09
CA ALA B 199 39.27 9.65 -13.24
C ALA B 199 38.93 10.49 -11.99
N ALA B 200 39.15 9.92 -10.81
CA ALA B 200 38.88 10.64 -9.56
C ALA B 200 39.67 11.96 -9.50
N GLU B 201 40.92 11.93 -9.98
CA GLU B 201 41.79 13.09 -9.93
C GLU B 201 41.25 14.14 -10.87
N ARG B 202 40.67 13.68 -11.98
CA ARG B 202 40.15 14.65 -12.95
C ARG B 202 38.87 15.26 -12.34
N ILE B 203 37.86 14.44 -12.15
CA ILE B 203 36.65 14.90 -11.47
C ILE B 203 36.95 15.76 -10.24
N GLY B 204 37.71 15.21 -9.27
CA GLY B 204 38.15 16.00 -8.09
C GLY B 204 38.85 17.34 -8.29
N LYS B 205 39.70 17.44 -9.31
CA LYS B 205 40.37 18.70 -9.59
C LYS B 205 39.34 19.78 -9.94
N ALA B 206 38.37 19.39 -10.77
CA ALA B 206 37.31 20.31 -11.22
C ALA B 206 36.48 20.86 -10.07
N ILE B 207 35.99 19.95 -9.23
CA ILE B 207 35.14 20.31 -8.08
C ILE B 207 35.87 21.30 -7.20
N LEU B 208 37.07 20.91 -6.76
CA LEU B 208 37.91 21.81 -5.95
C LEU B 208 38.05 23.25 -6.49
N LYS B 209 38.06 23.36 -7.81
CA LYS B 209 38.25 24.68 -8.42
C LYS B 209 37.05 25.59 -8.15
N VAL B 210 35.84 25.03 -8.14
CA VAL B 210 34.67 25.86 -7.81
C VAL B 210 34.22 25.69 -6.34
N ALA B 211 34.77 24.69 -5.66
CA ALA B 211 34.45 24.50 -4.22
C ALA B 211 35.71 24.22 -3.40
N PRO B 212 36.46 25.28 -3.06
CA PRO B 212 37.81 25.10 -2.54
C PRO B 212 37.77 24.56 -1.13
N HIS B 213 36.61 24.68 -0.49
CA HIS B 213 36.50 24.40 0.93
C HIS B 213 36.09 22.95 1.22
N TRP B 214 35.70 22.23 0.17
CA TRP B 214 35.29 20.83 0.31
C TRP B 214 36.40 19.80 0.52
N LEU B 215 35.98 18.57 0.62
CA LEU B 215 36.86 17.42 0.67
C LEU B 215 36.44 16.52 -0.47
N ILE B 216 37.35 15.67 -0.94
CA ILE B 216 36.96 14.77 -1.96
C ILE B 216 37.04 13.39 -1.40
N PHE B 217 35.93 12.68 -1.44
CA PHE B 217 35.86 11.32 -0.98
C PHE B 217 35.94 10.36 -2.21
N VAL B 218 36.89 9.41 -2.21
CA VAL B 218 37.07 8.54 -3.33
C VAL B 218 36.82 7.14 -2.89
N GLU B 219 35.90 6.43 -3.53
CA GLU B 219 35.76 5.05 -3.15
C GLU B 219 36.80 4.06 -3.71
N GLY B 220 36.70 2.82 -3.22
CA GLY B 220 37.48 1.71 -3.83
C GLY B 220 36.77 1.21 -5.09
N THR B 221 37.47 0.34 -5.87
CA THR B 221 36.85 -0.29 -7.02
C THR B 221 36.45 -1.71 -6.67
N GLN B 222 36.14 -2.54 -7.67
CA GLN B 222 35.86 -3.95 -7.36
C GLN B 222 37.11 -4.77 -7.52
N PHE B 223 37.56 -4.86 -8.76
CA PHE B 223 38.88 -5.42 -9.06
C PHE B 223 39.82 -4.22 -9.33
N THR B 224 41.13 -4.42 -9.19
CA THR B 224 42.08 -3.31 -9.47
C THR B 224 42.98 -3.63 -10.66
N ASN B 225 44.11 -4.26 -10.34
CA ASN B 225 45.04 -4.80 -11.33
C ASN B 225 45.35 -6.24 -10.94
N PRO B 226 45.74 -7.07 -11.94
CA PRO B 226 45.82 -8.51 -11.64
C PRO B 226 46.88 -8.92 -10.61
N LYS B 227 47.95 -8.14 -10.43
CA LYS B 227 49.00 -8.55 -9.51
C LYS B 227 48.59 -8.24 -8.07
N THR B 228 47.95 -7.09 -7.92
CA THR B 228 47.52 -6.61 -6.62
C THR B 228 46.44 -7.56 -6.21
N ASP B 229 45.44 -7.66 -7.05
CA ASP B 229 44.38 -8.57 -6.73
C ASP B 229 44.89 -9.96 -6.38
N SER B 230 45.68 -10.58 -7.25
CA SER B 230 46.21 -11.94 -6.96
C SER B 230 47.34 -11.90 -5.93
N SER B 231 48.05 -10.78 -5.90
CA SER B 231 49.09 -10.53 -4.91
C SER B 231 48.54 -10.43 -3.47
N TYR B 232 47.31 -10.97 -3.25
CA TYR B 232 46.68 -11.16 -1.90
C TYR B 232 45.50 -12.21 -1.82
N LYS B 233 45.53 -13.18 -0.90
CA LYS B 233 44.59 -14.33 -1.03
C LYS B 233 43.12 -13.98 -1.35
N TRP B 234 42.63 -12.87 -0.80
CA TRP B 234 41.22 -12.49 -0.99
C TRP B 234 41.06 -11.28 -1.88
N GLY B 235 41.98 -11.14 -2.85
CA GLY B 235 42.04 -9.98 -3.72
C GLY B 235 40.87 -9.84 -4.69
N TYR B 236 39.93 -10.78 -4.62
CA TYR B 236 38.75 -10.80 -5.50
C TYR B 236 37.50 -11.05 -4.69
N ASN B 237 37.62 -11.08 -3.38
CA ASN B 237 36.42 -11.00 -2.57
C ASN B 237 36.26 -9.63 -1.86
N ALA B 238 36.74 -8.57 -2.53
CA ALA B 238 36.54 -7.16 -2.17
C ALA B 238 35.15 -6.63 -2.63
N TRP B 239 34.59 -5.67 -1.88
CA TRP B 239 33.28 -5.09 -2.21
C TRP B 239 33.30 -4.09 -3.33
N TRP B 240 32.23 -4.10 -4.13
CA TRP B 240 32.02 -2.98 -5.05
C TRP B 240 32.42 -1.79 -4.23
N GLY B 241 33.21 -0.87 -4.78
CA GLY B 241 33.60 0.35 -4.01
C GLY B 241 34.57 0.05 -2.83
N GLY B 242 34.82 -1.24 -2.59
CA GLY B 242 35.48 -1.68 -1.33
C GLY B 242 36.91 -2.20 -1.37
N ASN B 243 37.55 -2.08 -2.54
CA ASN B 243 38.95 -2.50 -2.77
C ASN B 243 39.87 -1.28 -3.00
N LEU B 244 40.66 -0.88 -2.00
CA LEU B 244 41.70 0.11 -2.27
C LEU B 244 43.08 -0.54 -2.14
N MET B 245 43.17 -1.86 -2.39
CA MET B 245 44.47 -2.51 -2.17
C MET B 245 45.55 -1.76 -2.92
N ALA B 246 45.17 -0.93 -3.87
CA ALA B 246 46.13 -0.33 -4.82
C ALA B 246 46.43 1.16 -4.62
N VAL B 247 46.02 1.71 -3.48
CA VAL B 247 46.41 3.05 -3.11
C VAL B 247 47.89 3.02 -2.75
N LYS B 248 48.38 1.87 -2.30
CA LYS B 248 49.78 1.77 -1.90
C LYS B 248 50.62 2.05 -3.13
N ASP B 249 50.48 1.17 -4.11
CA ASP B 249 51.25 1.29 -5.36
C ASP B 249 50.78 2.46 -6.18
N TYR B 250 49.49 2.78 -6.05
CA TYR B 250 48.91 3.84 -6.86
C TYR B 250 47.95 4.80 -6.15
N PRO B 251 48.53 5.83 -5.51
CA PRO B 251 47.87 6.94 -4.80
C PRO B 251 47.13 7.77 -5.78
N VAL B 252 46.06 8.43 -5.35
CA VAL B 252 45.34 9.40 -6.16
C VAL B 252 46.01 10.72 -5.91
N ASN B 253 45.85 11.68 -6.83
CA ASN B 253 46.62 12.92 -6.82
C ASN B 253 45.86 14.23 -6.62
N LEU B 254 45.22 14.41 -5.46
CA LEU B 254 44.66 15.73 -5.12
C LEU B 254 45.43 16.15 -3.89
N PRO B 255 45.39 17.44 -3.52
CA PRO B 255 46.26 17.69 -2.36
C PRO B 255 45.84 16.86 -1.16
N LYS B 256 46.81 16.53 -0.31
CA LYS B 256 46.65 15.55 0.75
C LYS B 256 45.74 16.07 1.89
N ASN B 257 45.63 17.39 2.03
CA ASN B 257 44.69 18.02 2.97
C ASN B 257 43.22 18.19 2.44
N LYS B 258 42.82 17.37 1.47
CA LYS B 258 41.49 17.47 0.87
C LYS B 258 41.00 16.07 0.53
N LEU B 259 41.94 15.17 0.24
CA LEU B 259 41.56 13.80 -0.14
C LEU B 259 41.09 12.99 1.10
N VAL B 260 40.12 12.07 0.89
CA VAL B 260 39.57 11.16 1.87
C VAL B 260 39.23 9.81 1.19
N TYR B 261 39.90 8.71 1.53
CA TYR B 261 39.46 7.43 0.96
C TYR B 261 38.27 6.89 1.70
N SER B 262 37.40 6.24 0.95
CA SER B 262 36.12 5.90 1.49
C SER B 262 35.54 4.55 1.09
N PRO B 263 36.17 3.47 1.53
CA PRO B 263 35.62 2.15 1.18
C PRO B 263 34.21 1.78 1.74
N HIS B 264 33.61 0.74 1.16
CA HIS B 264 32.38 0.16 1.74
C HIS B 264 32.56 -1.27 2.24
N VAL B 265 31.70 -1.79 3.10
CA VAL B 265 32.02 -3.12 3.47
C VAL B 265 30.81 -3.82 4.02
N TYR B 266 30.62 -5.09 3.68
CA TYR B 266 29.34 -5.68 4.02
C TYR B 266 29.44 -7.04 4.66
N GLY B 267 28.33 -7.53 5.19
CA GLY B 267 28.28 -8.84 5.88
C GLY B 267 27.63 -9.91 5.01
N PRO B 268 27.20 -11.05 5.63
CA PRO B 268 26.68 -12.15 4.84
C PRO B 268 25.23 -11.86 4.38
N ASP B 269 24.56 -10.86 4.98
CA ASP B 269 23.22 -10.48 4.49
C ASP B 269 23.33 -9.85 3.09
N VAL B 270 24.51 -9.32 2.73
CA VAL B 270 24.69 -8.80 1.35
C VAL B 270 25.18 -9.90 0.40
N TYR B 271 26.26 -10.58 0.83
CA TYR B 271 26.79 -11.66 0.00
C TYR B 271 27.35 -12.76 0.88
N ASN B 272 27.10 -14.02 0.48
CA ASN B 272 27.72 -15.14 1.21
C ASN B 272 29.19 -15.36 0.87
N GLN B 273 30.04 -14.40 1.19
CA GLN B 273 31.51 -14.51 0.91
C GLN B 273 32.11 -15.81 1.36
N PRO B 274 33.05 -16.32 0.57
CA PRO B 274 33.75 -17.50 1.04
C PRO B 274 34.33 -17.20 2.43
N TYR B 275 35.00 -16.06 2.57
CA TYR B 275 35.50 -15.77 3.94
C TYR B 275 34.54 -15.75 5.17
N PHE B 276 33.23 -15.96 4.97
CA PHE B 276 32.35 -15.89 6.13
C PHE B 276 32.00 -17.23 6.69
N GLY B 277 32.67 -18.29 6.24
CA GLY B 277 32.35 -19.59 6.76
C GLY B 277 33.09 -19.97 8.02
N PRO B 278 32.38 -20.63 8.95
CA PRO B 278 33.06 -21.62 9.75
C PRO B 278 33.07 -22.93 8.91
N ALA B 279 34.15 -23.72 8.98
CA ALA B 279 35.38 -23.29 9.62
C ALA B 279 36.40 -22.65 8.66
N LYS B 280 36.06 -21.54 8.00
CA LYS B 280 37.18 -20.73 7.50
C LYS B 280 37.65 -19.72 8.55
N GLY B 281 37.15 -19.89 9.76
CA GLY B 281 37.61 -19.03 10.87
C GLY B 281 36.77 -17.77 11.07
N PHE B 282 35.91 -17.43 10.10
CA PHE B 282 35.15 -16.16 10.20
C PHE B 282 34.64 -16.16 11.58
N PRO B 283 34.59 -14.99 12.25
CA PRO B 283 35.00 -13.62 11.88
C PRO B 283 36.45 -13.36 12.32
N ASP B 284 36.93 -14.19 13.25
CA ASP B 284 38.23 -13.94 13.84
C ASP B 284 39.16 -13.63 12.67
N ASN B 285 38.77 -14.06 11.47
CA ASN B 285 39.56 -13.76 10.26
C ASN B 285 39.43 -12.36 9.65
N LEU B 286 38.40 -11.62 10.04
CA LEU B 286 38.00 -10.38 9.32
C LEU B 286 38.91 -9.11 9.34
N PRO B 287 39.64 -8.85 10.46
CA PRO B 287 40.56 -7.71 10.48
C PRO B 287 41.67 -7.52 9.41
N ASP B 288 42.42 -8.56 9.05
CA ASP B 288 43.54 -8.37 8.12
C ASP B 288 43.01 -8.12 6.70
N ILE B 289 41.94 -8.87 6.33
CA ILE B 289 41.19 -8.59 5.07
C ILE B 289 40.77 -7.14 5.10
N TRP B 290 40.00 -6.74 6.14
CA TRP B 290 39.71 -5.31 6.25
C TRP B 290 40.96 -4.52 6.24
N TYR B 291 41.97 -4.97 7.01
CA TYR B 291 43.24 -4.24 6.96
C TYR B 291 43.75 -4.26 5.55
N HIS B 292 43.63 -5.41 4.91
CA HIS B 292 44.11 -5.52 3.54
C HIS B 292 43.29 -4.74 2.52
N HIS B 293 41.97 -4.92 2.50
CA HIS B 293 41.22 -4.20 1.44
C HIS B 293 41.40 -2.69 1.48
N PHE B 294 41.45 -2.09 2.70
CA PHE B 294 41.48 -0.62 2.84
C PHE B 294 42.05 -0.14 4.21
N GLY B 295 41.99 -0.98 5.23
CA GLY B 295 42.52 -0.53 6.52
C GLY B 295 43.90 0.15 6.47
N TYR B 296 44.85 -0.50 5.79
CA TYR B 296 46.22 -0.06 5.92
C TYR B 296 46.31 1.36 5.38
N VAL B 297 45.33 1.80 4.56
CA VAL B 297 45.48 3.16 4.01
C VAL B 297 45.54 4.21 5.08
N LYS B 298 44.84 3.98 6.19
CA LYS B 298 44.93 4.84 7.36
C LYS B 298 46.05 4.37 8.33
N LEU B 299 45.97 3.09 8.73
CA LEU B 299 46.82 2.53 9.78
C LEU B 299 48.31 2.53 9.37
N GLU B 300 48.60 1.96 8.20
CA GLU B 300 49.92 2.02 7.59
C GLU B 300 50.21 3.40 7.02
N LEU B 301 49.53 3.79 5.94
CA LEU B 301 49.91 5.03 5.25
C LEU B 301 49.50 6.41 5.82
N GLY B 302 48.70 6.49 6.90
CA GLY B 302 48.45 7.81 7.52
C GLY B 302 47.29 8.66 6.94
N TYR B 303 46.53 8.09 6.00
CA TYR B 303 45.42 8.83 5.34
C TYR B 303 44.06 8.72 6.09
N SER B 304 43.19 9.68 5.87
CA SER B 304 41.77 9.54 6.30
C SER B 304 40.97 8.41 5.54
N VAL B 305 40.37 7.49 6.30
CA VAL B 305 39.52 6.46 5.72
C VAL B 305 38.16 6.69 6.41
N VAL B 306 37.17 7.17 5.63
CA VAL B 306 35.75 7.24 6.11
C VAL B 306 34.89 6.14 5.45
N ILE B 307 34.42 5.19 6.24
CA ILE B 307 33.72 4.08 5.63
C ILE B 307 32.37 4.67 5.16
N GLY B 308 32.03 4.41 3.88
CA GLY B 308 30.89 5.11 3.20
C GLY B 308 29.59 4.39 3.33
N GLU B 309 29.66 3.10 3.66
CA GLU B 309 28.54 2.23 3.82
C GLU B 309 28.91 0.98 4.48
N PHE B 310 28.02 0.50 5.32
CA PHE B 310 28.13 -0.87 5.83
C PHE B 310 26.82 -1.02 6.54
N GLY B 311 26.32 -2.24 6.70
CA GLY B 311 25.09 -2.49 7.39
C GLY B 311 24.57 -3.90 7.11
N GLY B 312 23.32 -4.17 7.50
CA GLY B 312 22.75 -5.49 7.28
C GLY B 312 21.71 -5.72 8.35
N LYS B 313 21.01 -6.85 8.33
CA LYS B 313 19.73 -6.93 9.08
C LYS B 313 19.90 -7.32 10.53
N TYR B 314 21.11 -7.68 10.95
CA TYR B 314 21.34 -7.85 12.40
C TYR B 314 20.42 -8.90 12.99
N GLY B 315 20.26 -10.02 12.27
CA GLY B 315 19.46 -11.10 12.82
C GLY B 315 17.96 -10.93 12.63
N HIS B 316 17.52 -9.78 12.11
CA HIS B 316 16.11 -9.53 11.76
C HIS B 316 15.74 -9.97 10.34
N GLY B 317 15.24 -11.20 10.23
CA GLY B 317 14.93 -11.80 8.93
C GLY B 317 16.07 -11.81 7.92
N GLY B 318 17.29 -12.01 8.42
CA GLY B 318 18.40 -12.27 7.52
C GLY B 318 19.33 -13.31 8.15
N ASP B 319 20.50 -13.47 7.60
CA ASP B 319 21.52 -14.42 8.09
C ASP B 319 21.90 -14.22 9.54
N PRO B 320 21.83 -15.27 10.37
CA PRO B 320 22.21 -14.94 11.75
C PRO B 320 23.72 -14.66 11.89
N ARG B 321 24.52 -15.07 10.91
CA ARG B 321 25.95 -14.63 10.94
C ARG B 321 25.99 -13.11 10.79
N ASP B 322 24.82 -12.47 10.83
CA ASP B 322 24.92 -11.00 10.64
C ASP B 322 25.11 -10.19 11.92
N VAL B 323 24.50 -10.64 13.02
CA VAL B 323 24.70 -9.99 14.28
C VAL B 323 26.22 -9.94 14.54
N ILE B 324 26.77 -11.12 14.79
CA ILE B 324 28.20 -11.18 15.10
C ILE B 324 29.18 -10.58 14.02
N TRP B 325 28.87 -10.61 12.71
CA TRP B 325 29.67 -9.79 11.71
C TRP B 325 29.73 -8.25 12.01
N GLN B 326 28.57 -7.69 12.34
CA GLN B 326 28.52 -6.22 12.58
C GLN B 326 29.12 -5.93 13.95
N ASN B 327 28.97 -6.82 14.92
CA ASN B 327 29.66 -6.68 16.21
C ASN B 327 31.17 -6.65 15.98
N LYS B 328 31.66 -7.60 15.21
CA LYS B 328 33.09 -7.59 14.88
C LYS B 328 33.62 -6.37 14.13
N LEU B 329 32.85 -5.82 13.24
CA LEU B 329 33.38 -4.72 12.44
C LEU B 329 33.40 -3.40 13.25
N VAL B 330 32.39 -3.19 14.10
CA VAL B 330 32.37 -2.02 14.99
C VAL B 330 33.54 -2.17 15.96
N ASP B 331 33.77 -3.39 16.44
CA ASP B 331 34.98 -3.67 17.30
C ASP B 331 36.23 -3.06 16.67
N TRP B 332 36.41 -3.39 15.41
CA TRP B 332 37.62 -3.12 14.69
C TRP B 332 37.73 -1.65 14.41
N MET B 333 36.60 -0.99 14.15
CA MET B 333 36.63 0.45 13.91
C MET B 333 36.94 1.23 15.20
N ILE B 334 36.34 0.80 16.30
CA ILE B 334 36.54 1.53 17.58
C ILE B 334 38.04 1.35 17.99
N GLU B 335 38.54 0.10 17.92
CA GLU B 335 39.92 -0.22 18.30
C GLU B 335 40.95 0.47 17.48
N ASN B 336 40.64 0.67 16.21
CA ASN B 336 41.62 1.17 15.34
C ASN B 336 41.33 2.58 15.02
N LYS B 337 40.42 3.20 15.76
CA LYS B 337 40.12 4.64 15.58
C LYS B 337 39.55 5.03 14.19
N PHE B 338 38.72 4.16 13.61
CA PHE B 338 37.91 4.54 12.45
C PHE B 338 36.63 5.19 12.93
N CYS B 339 36.75 6.49 13.14
CA CYS B 339 35.76 7.26 13.84
C CYS B 339 34.74 8.00 12.95
N ASP B 340 35.12 8.28 11.71
CA ASP B 340 34.20 8.81 10.69
C ASP B 340 33.54 7.67 9.87
N PHE B 341 32.20 7.64 9.73
CA PHE B 341 31.55 6.54 9.03
C PHE B 341 30.15 7.04 8.52
N PHE B 342 29.54 6.23 7.65
CA PHE B 342 28.09 6.40 7.20
C PHE B 342 27.40 5.03 7.11
N TYR B 343 26.41 4.78 7.95
CA TYR B 343 25.84 3.46 8.01
C TYR B 343 24.86 3.38 6.86
N TRP B 344 24.64 2.14 6.38
CA TRP B 344 23.52 1.74 5.40
C TRP B 344 22.42 0.91 6.06
N SER B 345 21.28 1.57 6.34
CA SER B 345 20.99 2.90 5.88
C SER B 345 20.06 3.43 6.97
N TRP B 346 19.83 4.73 6.96
CA TRP B 346 18.74 5.28 7.80
C TRP B 346 17.43 4.53 7.40
N ASN B 347 17.13 4.58 6.12
CA ASN B 347 15.92 3.80 5.59
C ASN B 347 15.79 2.34 6.06
N PRO B 348 14.54 1.86 6.23
CA PRO B 348 14.34 0.38 6.40
C PRO B 348 14.21 -0.37 5.05
N ASP B 349 14.01 0.42 3.97
CA ASP B 349 13.61 -0.16 2.68
C ASP B 349 14.85 -0.35 1.86
N SER B 350 15.79 -1.02 2.51
CA SER B 350 16.95 -1.53 1.80
C SER B 350 16.79 -3.05 1.76
N GLY B 351 16.73 -3.63 0.58
CA GLY B 351 16.31 -5.04 0.52
C GLY B 351 17.17 -6.11 1.20
N ASP B 352 18.47 -5.97 1.13
CA ASP B 352 19.34 -7.00 1.72
C ASP B 352 19.89 -6.59 3.08
N THR B 353 19.68 -5.32 3.50
CA THR B 353 20.24 -4.85 4.77
C THR B 353 19.27 -4.36 5.82
N GLY B 354 18.01 -4.09 5.46
CA GLY B 354 17.23 -3.23 6.32
C GLY B 354 18.01 -1.94 6.68
N GLY B 355 17.74 -1.45 7.89
CA GLY B 355 18.19 -0.09 8.28
C GLY B 355 18.15 0.09 9.75
N ILE B 356 18.45 1.32 10.18
CA ILE B 356 18.32 1.64 11.55
C ILE B 356 16.82 1.67 11.87
N LEU B 357 16.03 2.28 11.00
CA LEU B 357 14.56 2.33 11.17
C LEU B 357 13.94 0.93 10.94
N GLN B 358 12.86 0.58 11.69
CA GLN B 358 12.11 -0.68 11.43
C GLN B 358 11.23 -0.37 10.25
N ASP B 359 10.41 -1.32 9.82
CA ASP B 359 9.69 -1.15 8.55
C ASP B 359 8.58 -0.15 8.69
N ASP B 360 8.12 0.02 9.91
CA ASP B 360 7.16 1.08 10.23
C ASP B 360 7.73 2.47 10.10
N TRP B 361 8.99 2.59 9.70
CA TRP B 361 9.61 3.90 9.36
C TRP B 361 9.57 4.90 10.51
N THR B 362 9.45 4.40 11.74
CA THR B 362 9.28 5.22 12.87
C THR B 362 10.09 4.69 14.04
N THR B 363 10.07 3.36 14.20
CA THR B 363 10.70 2.62 15.32
C THR B 363 12.10 2.30 14.87
N ILE B 364 13.00 2.07 15.81
CA ILE B 364 14.32 1.59 15.40
C ILE B 364 14.60 0.19 15.90
N TRP B 365 15.54 -0.49 15.23
CA TRP B 365 16.03 -1.74 15.78
C TRP B 365 17.00 -1.47 16.97
N GLU B 366 16.51 -1.59 18.20
CA GLU B 366 17.35 -1.31 19.40
C GLU B 366 18.74 -2.01 19.43
N ASP B 367 18.71 -3.32 19.30
CA ASP B 367 19.96 -4.09 19.31
C ASP B 367 21.00 -3.61 18.26
N LYS B 368 20.53 -3.38 17.04
CA LYS B 368 21.40 -3.01 15.95
C LYS B 368 22.00 -1.62 16.20
N TYR B 369 21.12 -0.74 16.65
CA TYR B 369 21.49 0.61 16.99
C TYR B 369 22.40 0.56 18.17
N ASN B 370 22.13 -0.31 19.12
CA ASN B 370 22.97 -0.34 20.30
C ASN B 370 24.38 -0.69 19.93
N ASN B 371 24.53 -1.60 18.98
CA ASN B 371 25.85 -1.98 18.48
C ASN B 371 26.53 -0.80 17.84
N LEU B 372 25.83 -0.09 16.95
CA LEU B 372 26.42 0.98 16.20
C LEU B 372 26.79 2.17 17.12
N LYS B 373 25.97 2.37 18.14
CA LYS B 373 26.11 3.54 18.99
C LYS B 373 27.44 3.50 19.74
N ARG B 374 28.04 2.32 19.85
CA ARG B 374 29.38 2.21 20.39
C ARG B 374 30.36 3.14 19.71
N LEU B 375 30.15 3.42 18.43
CA LEU B 375 31.04 4.30 17.70
C LEU B 375 30.81 5.78 18.09
N MET B 376 29.64 6.06 18.63
CA MET B 376 29.29 7.46 18.91
C MET B 376 29.49 7.76 20.37
N ASP B 377 30.22 6.84 21.02
CA ASP B 377 30.41 6.84 22.47
C ASP B 377 29.17 6.41 23.25
N GLN C 1 -38.32 -2.67 -1.95
CA GLN C 1 -37.68 -3.29 -0.76
C GLN C 1 -36.20 -2.87 -0.60
N THR C 2 -35.65 -2.15 -1.60
CA THR C 2 -34.30 -1.51 -1.51
C THR C 2 -34.07 -0.47 -2.62
N PRO C 3 -33.68 0.78 -2.27
CA PRO C 3 -33.30 1.73 -3.33
C PRO C 3 -31.86 1.64 -3.78
N THR C 4 -31.12 0.67 -3.30
CA THR C 4 -29.73 0.62 -3.68
C THR C 4 -29.47 -0.59 -4.55
N GLY C 5 -30.33 -1.60 -4.43
CA GLY C 5 -30.07 -2.92 -5.03
C GLY C 5 -29.64 -3.82 -3.91
N ILE C 6 -29.37 -3.23 -2.75
CA ILE C 6 -28.95 -4.01 -1.59
C ILE C 6 -30.02 -4.00 -0.47
N TYR C 7 -30.16 -5.15 0.19
CA TYR C 7 -31.05 -5.36 1.32
C TYR C 7 -30.29 -6.10 2.38
N TYR C 8 -30.21 -5.53 3.59
CA TYR C 8 -29.55 -6.22 4.68
C TYR C 8 -30.56 -6.96 5.53
N GLU C 9 -30.18 -8.09 6.12
CA GLU C 9 -31.10 -8.76 7.04
C GLU C 9 -30.31 -9.66 7.98
N VAL C 10 -30.94 -10.10 9.06
CA VAL C 10 -30.39 -11.07 9.97
C VAL C 10 -31.10 -12.40 9.74
N ARG C 11 -30.33 -13.47 9.64
CA ARG C 11 -30.89 -14.80 9.74
C ARG C 11 -30.16 -15.53 10.83
N GLY C 12 -30.90 -16.13 11.73
CA GLY C 12 -30.26 -16.76 12.84
C GLY C 12 -29.63 -15.59 13.57
N ASP C 13 -28.36 -15.71 13.93
CA ASP C 13 -27.75 -14.63 14.64
C ASP C 13 -26.72 -13.93 13.77
N THR C 14 -26.83 -14.08 12.46
CA THR C 14 -25.81 -13.48 11.63
C THR C 14 -26.45 -12.58 10.63
N ILE C 15 -25.68 -11.58 10.20
CA ILE C 15 -26.09 -10.58 9.23
C ILE C 15 -25.68 -10.91 7.79
N TYR C 16 -26.59 -10.66 6.83
CA TYR C 16 -26.37 -10.92 5.39
C TYR C 16 -26.69 -9.68 4.59
N MET C 17 -26.09 -9.64 3.44
CA MET C 17 -26.29 -8.59 2.46
C MET C 17 -26.88 -9.40 1.32
N ILE C 18 -27.97 -8.92 0.74
CA ILE C 18 -28.58 -9.63 -0.37
C ILE C 18 -28.58 -8.68 -1.53
N ASN C 19 -28.00 -9.12 -2.63
CA ASN C 19 -28.18 -8.38 -3.84
C ASN C 19 -29.52 -8.75 -4.47
N VAL C 20 -30.51 -7.87 -4.40
CA VAL C 20 -31.85 -8.27 -4.82
C VAL C 20 -31.96 -8.39 -6.34
N THR C 21 -31.21 -7.60 -7.07
CA THR C 21 -31.20 -7.66 -8.52
C THR C 21 -30.65 -9.01 -9.04
N SER C 22 -29.60 -9.51 -8.40
CA SER C 22 -28.98 -10.75 -8.86
C SER C 22 -29.40 -11.96 -8.06
N GLY C 23 -29.90 -11.74 -6.85
CA GLY C 23 -30.11 -12.82 -5.89
C GLY C 23 -28.89 -13.24 -5.08
N GLU C 24 -27.69 -12.73 -5.36
CA GLU C 24 -26.55 -13.19 -4.57
C GLU C 24 -26.65 -12.73 -3.13
N GLU C 25 -26.19 -13.54 -2.21
CA GLU C 25 -26.23 -13.09 -0.86
C GLU C 25 -24.94 -13.52 -0.19
N THR C 26 -24.57 -12.87 0.89
CA THR C 26 -23.32 -13.18 1.55
C THR C 26 -23.51 -12.79 2.99
N PRO C 27 -23.13 -13.68 3.92
CA PRO C 27 -23.06 -13.29 5.31
C PRO C 27 -21.92 -12.27 5.42
N ILE C 28 -22.06 -11.29 6.31
CA ILE C 28 -20.92 -10.37 6.45
C ILE C 28 -20.60 -10.28 7.91
N HIS C 29 -19.39 -9.81 8.23
CA HIS C 29 -18.97 -9.64 9.61
C HIS C 29 -18.60 -8.16 9.77
N LEU C 30 -18.85 -7.59 10.94
CA LEU C 30 -18.51 -6.16 11.18
C LEU C 30 -17.32 -6.05 12.14
N PHE C 31 -16.17 -5.66 11.61
CA PHE C 31 -14.95 -5.50 12.44
C PHE C 31 -14.90 -3.98 12.46
N GLY C 32 -15.61 -3.37 13.42
CA GLY C 32 -15.82 -1.92 13.36
C GLY C 32 -15.01 -1.05 14.30
N VAL C 33 -14.98 0.24 14.00
CA VAL C 33 -14.50 1.23 14.95
C VAL C 33 -15.49 2.40 14.94
N ASN C 34 -15.54 3.12 16.05
CA ASN C 34 -16.32 4.38 16.13
C ASN C 34 -15.44 5.55 15.72
N TRP C 35 -15.82 6.36 14.72
CA TRP C 35 -15.10 7.56 14.41
C TRP C 35 -16.06 8.74 14.73
N PHE C 36 -15.89 9.35 15.91
CA PHE C 36 -16.86 10.32 16.47
C PHE C 36 -16.42 11.78 16.18
N GLY C 37 -17.39 12.74 16.27
CA GLY C 37 -17.14 14.14 15.97
C GLY C 37 -18.40 14.84 15.48
N PHE C 38 -19.19 14.17 14.64
CA PHE C 38 -20.42 14.76 14.09
C PHE C 38 -21.55 14.99 15.13
N GLU C 39 -21.45 14.35 16.28
CA GLU C 39 -22.33 14.56 17.41
C GLU C 39 -21.84 15.66 18.41
N THR C 40 -20.67 16.26 18.12
CA THR C 40 -20.08 17.34 18.94
C THR C 40 -20.23 18.69 18.28
N PRO C 41 -19.86 19.76 18.99
CA PRO C 41 -19.95 21.14 18.40
C PRO C 41 -19.06 21.34 17.20
N ASN C 42 -18.10 20.45 17.01
CA ASN C 42 -17.32 20.47 15.73
C ASN C 42 -18.19 20.13 14.55
N HIS C 43 -19.22 19.28 14.76
CA HIS C 43 -20.14 18.83 13.64
C HIS C 43 -19.34 18.22 12.51
N VAL C 44 -18.28 17.51 12.86
CA VAL C 44 -17.46 16.79 11.84
C VAL C 44 -16.61 15.83 12.57
N VAL C 45 -16.36 14.65 12.02
CA VAL C 45 -15.42 13.76 12.68
C VAL C 45 -14.12 14.51 13.04
N HIS C 46 -13.53 14.07 14.10
CA HIS C 46 -12.41 14.74 14.79
C HIS C 46 -11.09 14.21 14.21
N GLY C 47 -10.02 14.98 14.35
CA GLY C 47 -8.70 14.63 13.81
C GLY C 47 -8.35 15.31 12.52
N LEU C 48 -9.30 15.98 11.93
CA LEU C 48 -9.02 16.57 10.65
C LEU C 48 -8.14 17.85 10.79
N TRP C 49 -7.80 18.21 11.99
CA TRP C 49 -6.85 19.29 12.18
C TRP C 49 -5.40 18.74 12.06
N LYS C 50 -5.32 17.43 11.95
CA LYS C 50 -4.08 16.76 12.00
C LYS C 50 -3.94 15.78 10.81
N ARG C 51 -5.04 15.13 10.46
CA ARG C 51 -5.01 14.11 9.40
C ARG C 51 -5.88 14.44 8.20
N ASN C 52 -5.57 13.81 7.06
CA ASN C 52 -6.42 13.91 5.93
C ASN C 52 -7.52 12.86 6.04
N TRP C 53 -8.78 13.20 5.67
CA TRP C 53 -9.91 12.26 5.98
C TRP C 53 -9.85 10.95 5.15
N GLU C 54 -9.38 11.07 3.91
CA GLU C 54 -9.27 9.90 3.01
C GLU C 54 -8.14 9.05 3.50
N ASP C 55 -7.03 9.66 3.94
CA ASP C 55 -5.90 8.88 4.55
C ASP C 55 -6.39 8.10 5.78
N MET C 56 -7.21 8.76 6.60
CA MET C 56 -7.76 8.07 7.74
C MET C 56 -8.55 6.78 7.42
N LEU C 57 -9.46 6.86 6.46
CA LEU C 57 -10.20 5.69 6.08
C LEU C 57 -9.29 4.58 5.52
N LEU C 58 -8.30 4.99 4.72
CA LEU C 58 -7.33 3.99 4.21
C LEU C 58 -6.52 3.36 5.33
N GLN C 59 -6.14 4.12 6.36
CA GLN C 59 -5.41 3.49 7.48
C GLN C 59 -6.34 2.53 8.25
N ILE C 60 -7.58 2.95 8.50
CA ILE C 60 -8.58 2.05 9.08
C ILE C 60 -8.68 0.74 8.25
N LYS C 61 -8.81 0.88 6.93
CA LYS C 61 -8.88 -0.33 6.10
C LYS C 61 -7.58 -1.16 6.26
N SER C 62 -6.45 -0.47 6.33
CA SER C 62 -5.14 -1.22 6.34
C SER C 62 -4.97 -2.08 7.57
N LEU C 63 -5.68 -1.72 8.65
CA LEU C 63 -5.64 -2.49 9.86
C LEU C 63 -6.66 -3.63 10.00
N GLY C 64 -7.42 -3.92 8.98
CA GLY C 64 -8.26 -5.12 9.04
C GLY C 64 -9.68 -4.72 9.39
N PHE C 65 -9.98 -3.38 9.46
CA PHE C 65 -11.38 -2.99 9.81
C PHE C 65 -12.17 -2.81 8.55
N ASN C 66 -13.46 -3.10 8.61
CA ASN C 66 -14.28 -2.84 7.46
C ASN C 66 -15.61 -2.17 7.83
N ALA C 67 -15.70 -1.49 8.98
CA ALA C 67 -17.00 -0.91 9.33
C ALA C 67 -16.73 0.33 10.19
N ILE C 68 -17.57 1.34 10.08
CA ILE C 68 -17.43 2.50 10.95
C ILE C 68 -18.85 2.76 11.51
N ARG C 69 -18.88 3.00 12.79
CA ARG C 69 -20.13 3.50 13.39
C ARG C 69 -19.95 5.00 13.52
N LEU C 70 -20.92 5.78 13.04
CA LEU C 70 -20.70 7.16 12.87
C LEU C 70 -21.76 7.90 13.76
N PRO C 71 -21.36 8.34 14.95
CA PRO C 71 -22.20 9.25 15.85
C PRO C 71 -22.56 10.54 15.18
N PHE C 72 -23.83 11.01 15.33
CA PHE C 72 -24.21 12.30 14.76
C PHE C 72 -25.21 12.97 15.76
N CYS C 73 -25.36 14.27 15.67
CA CYS C 73 -26.35 14.93 16.52
C CYS C 73 -27.26 15.59 15.57
N THR C 74 -28.35 16.18 16.09
CA THR C 74 -29.38 16.57 15.20
C THR C 74 -28.86 17.64 14.31
N GLU C 75 -28.09 18.54 14.90
CA GLU C 75 -27.69 19.71 14.08
C GLU C 75 -26.76 19.32 12.91
N SER C 76 -25.94 18.29 13.09
CA SER C 76 -25.03 17.94 11.97
C SER C 76 -25.72 17.42 10.72
N VAL C 77 -26.90 16.85 10.89
CA VAL C 77 -27.59 16.28 9.74
C VAL C 77 -28.66 17.24 9.14
N LYS C 78 -28.63 18.52 9.54
CA LYS C 78 -29.48 19.57 8.90
C LYS C 78 -28.61 20.30 7.91
N PRO C 79 -29.09 20.62 6.69
CA PRO C 79 -28.25 21.42 5.78
C PRO C 79 -27.84 22.72 6.42
N GLY C 80 -26.63 23.15 6.12
CA GLY C 80 -26.18 24.50 6.40
C GLY C 80 -25.49 24.63 7.72
N THR C 81 -25.10 23.51 8.31
CA THR C 81 -24.36 23.53 9.56
C THR C 81 -22.85 23.58 9.33
N GLN C 82 -22.19 24.55 9.93
CA GLN C 82 -20.76 24.77 9.67
C GLN C 82 -19.85 23.81 10.47
N PRO C 83 -19.07 22.95 9.76
CA PRO C 83 -18.15 22.05 10.47
C PRO C 83 -17.02 22.92 10.98
N ILE C 84 -16.52 22.59 12.15
CA ILE C 84 -15.46 23.30 12.74
C ILE C 84 -14.37 22.30 13.11
N GLY C 85 -13.16 22.54 12.63
CA GLY C 85 -12.04 21.75 13.17
C GLY C 85 -11.32 20.99 12.04
N ILE C 86 -11.21 21.67 10.92
CA ILE C 86 -10.55 21.07 9.74
C ILE C 86 -9.30 21.87 9.35
N ASP C 87 -8.13 21.23 9.24
CA ASP C 87 -7.01 21.86 8.56
C ASP C 87 -7.16 21.71 7.06
N TYR C 88 -7.50 22.79 6.37
CA TYR C 88 -7.84 22.64 4.95
C TYR C 88 -6.62 22.53 4.00
N SER C 89 -5.45 22.74 4.56
CA SER C 89 -4.25 22.49 3.80
C SER C 89 -4.17 20.95 3.67
N LYS C 90 -4.48 20.21 4.73
CA LYS C 90 -4.53 18.73 4.69
C LYS C 90 -5.82 18.13 4.05
N ASN C 91 -6.86 18.95 3.91
CA ASN C 91 -8.19 18.50 3.48
C ASN C 91 -8.87 19.47 2.45
N PRO C 92 -8.13 19.91 1.43
CA PRO C 92 -8.67 21.00 0.59
C PRO C 92 -10.01 20.66 -0.05
N ASP C 93 -10.30 19.38 -0.25
CA ASP C 93 -11.57 19.05 -0.85
C ASP C 93 -12.75 19.24 0.15
N LEU C 94 -12.47 19.57 1.40
CA LEU C 94 -13.57 19.84 2.30
C LEU C 94 -13.92 21.33 2.41
N ARG C 95 -13.17 22.18 1.71
CA ARG C 95 -13.39 23.62 1.85
C ARG C 95 -14.78 23.99 1.37
N GLY C 96 -15.50 24.75 2.20
CA GLY C 96 -16.83 25.25 1.82
C GLY C 96 -17.98 24.25 1.85
N LEU C 97 -17.72 23.06 2.37
CA LEU C 97 -18.79 22.06 2.51
C LEU C 97 -19.41 22.24 3.91
N ASP C 98 -20.70 21.92 4.03
CA ASP C 98 -21.32 21.90 5.35
C ASP C 98 -21.23 20.47 5.91
N SER C 99 -21.68 20.29 7.14
CA SER C 99 -21.54 19.03 7.84
C SER C 99 -22.21 17.87 7.11
N LEU C 100 -23.34 18.11 6.46
CA LEU C 100 -24.04 17.05 5.80
C LEU C 100 -23.33 16.66 4.49
N GLN C 101 -22.78 17.66 3.80
CA GLN C 101 -22.01 17.36 2.59
C GLN C 101 -20.71 16.60 2.93
N ILE C 102 -20.06 16.92 4.04
CA ILE C 102 -18.92 16.12 4.50
C ILE C 102 -19.34 14.68 4.91
N MET C 103 -20.46 14.54 5.62
CA MET C 103 -20.89 13.20 6.03
C MET C 103 -21.19 12.31 4.84
N GLU C 104 -21.75 12.89 3.78
CA GLU C 104 -22.06 12.10 2.57
C GLU C 104 -20.74 11.74 1.83
N LYS C 105 -19.85 12.70 1.70
CA LYS C 105 -18.56 12.48 0.98
C LYS C 105 -17.76 11.36 1.64
N ILE C 106 -17.72 11.35 2.99
CA ILE C 106 -17.08 10.31 3.76
C ILE C 106 -17.76 8.96 3.60
N ILE C 107 -19.09 8.96 3.67
CA ILE C 107 -19.78 7.73 3.55
C ILE C 107 -19.61 7.07 2.17
N LYS C 108 -19.60 7.88 1.12
CA LYS C 108 -19.59 7.33 -0.23
C LYS C 108 -18.13 6.86 -0.49
N LYS C 109 -17.13 7.65 -0.07
CA LYS C 109 -15.67 7.18 -0.15
C LYS C 109 -15.52 5.88 0.68
N ALA C 110 -16.13 5.79 1.87
CA ALA C 110 -16.05 4.55 2.63
C ALA C 110 -16.61 3.40 1.84
N GLY C 111 -17.68 3.67 1.10
CA GLY C 111 -18.29 2.63 0.24
C GLY C 111 -17.27 2.18 -0.79
N ASP C 112 -16.58 3.11 -1.42
CA ASP C 112 -15.54 2.80 -2.45
C ASP C 112 -14.49 1.84 -1.85
N LEU C 113 -14.14 2.12 -0.59
CA LEU C 113 -13.13 1.33 0.11
C LEU C 113 -13.65 0.05 0.77
N GLY C 114 -14.92 -0.30 0.57
CA GLY C 114 -15.41 -1.54 1.17
C GLY C 114 -15.68 -1.37 2.66
N ILE C 115 -15.95 -0.15 3.09
CA ILE C 115 -16.32 0.03 4.54
C ILE C 115 -17.84 0.27 4.78
N PHE C 116 -18.45 -0.54 5.64
CA PHE C 116 -19.86 -0.43 5.96
C PHE C 116 -19.96 0.71 6.99
N VAL C 117 -21.08 1.42 6.95
CA VAL C 117 -21.31 2.51 7.90
C VAL C 117 -22.60 2.26 8.73
N LEU C 118 -22.50 2.34 10.06
CA LEU C 118 -23.74 2.25 10.91
C LEU C 118 -24.02 3.66 11.40
N LEU C 119 -25.21 4.25 11.10
CA LEU C 119 -25.42 5.66 11.46
C LEU C 119 -25.99 5.65 12.88
N ASP C 120 -25.54 6.55 13.75
CA ASP C 120 -25.84 6.40 15.18
C ASP C 120 -26.35 7.75 15.68
N TYR C 121 -27.65 7.89 15.95
CA TYR C 121 -28.16 9.12 16.54
C TYR C 121 -27.70 9.22 17.96
N HIS C 122 -26.57 9.87 18.13
CA HIS C 122 -25.83 9.75 19.39
C HIS C 122 -26.27 10.77 20.49
N ARG C 123 -26.62 11.98 20.05
CA ARG C 123 -27.18 13.05 20.94
C ARG C 123 -28.15 13.90 20.22
N ILE C 124 -29.15 14.42 20.94
CA ILE C 124 -30.07 15.32 20.32
C ILE C 124 -29.46 16.72 20.17
N GLY C 125 -28.88 17.22 21.25
CA GLY C 125 -28.17 18.50 21.23
C GLY C 125 -26.77 18.04 20.77
N CYS C 126 -25.76 18.90 20.87
CA CYS C 126 -24.38 18.41 20.53
C CYS C 126 -23.36 18.53 21.68
N THR C 127 -23.86 18.46 22.92
CA THR C 127 -23.02 18.53 24.12
C THR C 127 -22.98 17.29 24.99
N HIS C 128 -24.08 16.55 25.04
CA HIS C 128 -24.08 15.35 25.90
C HIS C 128 -25.15 14.32 25.52
N ILE C 129 -25.01 13.08 26.01
CA ILE C 129 -25.99 12.07 25.66
C ILE C 129 -27.17 12.18 26.62
N GLU C 130 -28.33 12.45 26.07
CA GLU C 130 -29.55 12.51 26.89
C GLU C 130 -30.01 11.10 27.32
N PRO C 131 -30.58 10.97 28.52
CA PRO C 131 -30.94 9.64 28.95
C PRO C 131 -32.15 9.04 28.14
N LEU C 132 -32.98 9.90 27.56
CA LEU C 132 -34.18 9.51 26.81
C LEU C 132 -34.07 10.01 25.43
N TRP C 133 -35.00 9.62 24.55
CA TRP C 133 -34.97 9.93 23.14
C TRP C 133 -35.78 11.18 22.90
N TYR C 134 -36.00 12.00 23.95
CA TYR C 134 -36.65 13.25 23.84
C TYR C 134 -36.22 14.13 25.02
N THR C 135 -36.40 15.43 24.89
CA THR C 135 -36.12 16.37 25.99
C THR C 135 -37.31 17.33 26.09
N GLU C 136 -37.28 18.14 27.13
CA GLU C 136 -38.28 19.23 27.23
C GLU C 136 -38.55 19.94 25.89
N ASP C 137 -37.51 20.29 25.12
CA ASP C 137 -37.65 21.12 23.89
C ASP C 137 -37.66 20.34 22.56
N PHE C 138 -37.51 19.03 22.61
CA PHE C 138 -37.27 18.28 21.41
C PHE C 138 -38.02 16.96 21.56
N SER C 139 -39.11 16.85 20.83
CA SER C 139 -40.11 15.82 21.11
C SER C 139 -39.74 14.53 20.36
N GLU C 140 -40.37 13.43 20.76
CA GLU C 140 -40.31 12.17 20.03
C GLU C 140 -40.65 12.38 18.55
N GLU C 141 -41.75 13.08 18.26
CA GLU C 141 -41.96 13.44 16.89
C GLU C 141 -40.74 14.08 16.19
N ASP C 142 -40.07 15.00 16.89
CA ASP C 142 -38.91 15.66 16.29
C ASP C 142 -37.77 14.62 16.09
N PHE C 143 -37.60 13.69 17.04
CA PHE C 143 -36.57 12.64 16.93
C PHE C 143 -36.85 11.78 15.67
N ILE C 144 -38.08 11.25 15.59
CA ILE C 144 -38.53 10.50 14.42
C ILE C 144 -38.45 11.27 13.10
N ASN C 145 -38.89 12.52 13.04
CA ASN C 145 -38.74 13.20 11.76
C ASN C 145 -37.26 13.35 11.35
N THR C 146 -36.36 13.55 12.31
CA THR C 146 -34.93 13.59 11.97
C THR C 146 -34.51 12.24 11.37
N TRP C 147 -34.83 11.15 12.05
CA TRP C 147 -34.42 9.82 11.59
C TRP C 147 -35.03 9.53 10.25
N ILE C 148 -36.28 9.91 10.07
CA ILE C 148 -36.84 9.83 8.74
C ILE C 148 -36.08 10.67 7.67
N GLU C 149 -35.65 11.89 7.94
CA GLU C 149 -34.92 12.57 6.87
C GLU C 149 -33.54 11.94 6.56
N VAL C 150 -32.86 11.56 7.61
CA VAL C 150 -31.54 10.85 7.52
C VAL C 150 -31.69 9.53 6.71
N ALA C 151 -32.71 8.74 7.03
CA ALA C 151 -32.97 7.52 6.23
C ALA C 151 -33.28 7.71 4.71
N LYS C 152 -34.04 8.74 4.39
CA LYS C 152 -34.33 9.05 3.00
C LYS C 152 -33.04 9.43 2.32
N ARG C 153 -32.21 10.24 2.99
CA ARG C 153 -30.97 10.71 2.38
C ARG C 153 -29.91 9.60 2.24
N PHE C 154 -29.54 9.02 3.37
CA PHE C 154 -28.45 8.01 3.43
C PHE C 154 -28.89 6.61 3.08
N GLY C 155 -30.21 6.43 2.98
CA GLY C 155 -30.73 5.19 2.37
C GLY C 155 -30.20 4.85 0.98
N LYS C 156 -29.79 5.87 0.25
CA LYS C 156 -29.34 5.78 -1.13
C LYS C 156 -27.85 5.32 -1.28
N TYR C 157 -27.12 5.30 -0.16
CA TYR C 157 -25.72 4.79 -0.09
C TYR C 157 -25.69 3.35 0.24
N TRP C 158 -25.22 2.52 -0.70
CA TRP C 158 -25.29 1.07 -0.55
C TRP C 158 -24.65 0.56 0.72
N ASN C 159 -23.57 1.20 1.17
CA ASN C 159 -22.82 0.65 2.33
C ASN C 159 -23.35 1.11 3.66
N VAL C 160 -24.41 1.93 3.64
CA VAL C 160 -25.01 2.21 4.99
C VAL C 160 -25.84 0.99 5.42
N ILE C 161 -25.44 0.32 6.49
CA ILE C 161 -26.17 -0.89 6.91
C ILE C 161 -27.47 -0.61 7.67
N GLY C 162 -27.63 0.59 8.19
CA GLY C 162 -28.75 0.84 9.04
C GLY C 162 -28.62 1.87 10.16
N ALA C 163 -29.56 1.75 11.10
CA ALA C 163 -29.77 2.79 12.13
C ALA C 163 -29.60 2.30 13.58
N ASP C 164 -28.68 2.93 14.30
CA ASP C 164 -28.52 2.67 15.71
C ASP C 164 -29.44 3.77 16.34
N LEU C 165 -30.61 3.32 16.84
CA LEU C 165 -31.75 4.22 17.00
C LEU C 165 -31.44 5.37 17.92
N LYS C 166 -30.87 5.08 19.08
CA LYS C 166 -30.49 6.13 20.04
C LYS C 166 -29.35 5.62 20.91
N ASN C 167 -28.28 6.40 20.94
CA ASN C 167 -27.12 6.01 21.76
C ASN C 167 -27.42 6.06 23.24
N GLU C 168 -27.12 4.96 23.94
CA GLU C 168 -27.07 4.79 25.40
C GLU C 168 -28.28 5.34 26.17
N PRO C 169 -29.50 4.86 25.86
CA PRO C 169 -30.61 5.21 26.79
C PRO C 169 -30.11 4.85 28.16
N HIS C 170 -30.27 5.73 29.13
CA HIS C 170 -29.75 5.42 30.43
C HIS C 170 -30.53 6.22 31.53
N SER C 171 -30.05 6.18 32.76
CA SER C 171 -30.74 6.89 33.81
C SER C 171 -29.85 7.95 34.41
N VAL C 172 -30.49 8.94 35.06
CA VAL C 172 -29.75 9.91 35.85
C VAL C 172 -30.12 9.90 37.35
N THR C 173 -30.83 8.86 37.79
CA THR C 173 -31.21 8.72 39.17
C THR C 173 -31.08 7.26 39.53
N SER C 174 -31.05 6.94 40.82
CA SER C 174 -30.88 5.55 41.25
C SER C 174 -32.19 4.81 41.30
N PRO C 175 -32.15 3.48 41.20
CA PRO C 175 -33.39 2.73 41.40
C PRO C 175 -33.75 2.88 42.86
N PRO C 176 -35.04 2.77 43.21
CA PRO C 176 -36.23 2.55 42.36
C PRO C 176 -36.81 3.84 41.75
N ALA C 177 -36.38 5.02 42.20
CA ALA C 177 -36.91 6.24 41.61
C ALA C 177 -36.87 6.17 40.07
N ALA C 178 -35.74 5.66 39.56
CA ALA C 178 -35.42 5.74 38.12
C ALA C 178 -36.45 5.11 37.22
N TYR C 179 -37.23 4.18 37.78
CA TYR C 179 -38.27 3.44 37.01
C TYR C 179 -39.55 4.24 36.87
N THR C 180 -39.77 5.20 37.77
CA THR C 180 -40.98 6.03 37.69
C THR C 180 -40.81 7.57 37.65
N ASP C 181 -39.61 8.08 37.88
CA ASP C 181 -39.42 9.53 37.93
C ASP C 181 -39.44 10.27 36.58
N GLY C 182 -39.46 9.49 35.49
CA GLY C 182 -39.50 10.08 34.15
C GLY C 182 -38.22 10.75 33.66
N THR C 183 -37.12 10.53 34.37
CA THR C 183 -35.84 11.16 34.04
C THR C 183 -34.88 10.25 33.28
N GLY C 184 -35.28 8.99 33.16
CA GLY C 184 -34.41 7.97 32.60
C GLY C 184 -35.20 6.93 31.81
N ALA C 185 -34.47 6.18 30.97
CA ALA C 185 -35.02 5.15 30.11
C ALA C 185 -35.38 3.99 30.96
N THR C 186 -36.47 3.30 30.61
CA THR C 186 -36.79 2.05 31.28
C THR C 186 -37.04 0.98 30.22
N TRP C 187 -37.44 -0.20 30.64
CA TRP C 187 -37.79 -1.28 29.71
C TRP C 187 -38.67 -2.32 30.42
N GLY C 188 -39.87 -2.54 29.93
CA GLY C 188 -40.78 -3.48 30.55
C GLY C 188 -41.61 -2.90 31.68
N MET C 189 -41.68 -1.57 31.79
CA MET C 189 -42.45 -0.92 32.86
C MET C 189 -43.89 -0.77 32.41
N GLY C 190 -44.12 -0.82 31.11
CA GLY C 190 -45.45 -0.58 30.60
C GLY C 190 -45.85 0.87 30.42
N ASN C 191 -44.91 1.78 30.44
CA ASN C 191 -45.25 3.19 30.28
C ASN C 191 -44.36 3.76 29.19
N PRO C 192 -44.98 4.19 28.07
CA PRO C 192 -44.31 4.68 26.86
C PRO C 192 -43.58 5.97 27.10
N ALA C 193 -43.82 6.60 28.26
CA ALA C 193 -43.08 7.82 28.55
C ALA C 193 -41.59 7.47 28.74
N THR C 194 -41.29 6.30 29.27
CA THR C 194 -39.88 5.98 29.53
C THR C 194 -39.36 4.67 28.90
N ASP C 195 -40.28 3.82 28.39
CA ASP C 195 -39.86 2.45 28.07
C ASP C 195 -39.17 2.55 26.69
N TRP C 196 -37.88 2.28 26.69
CA TRP C 196 -37.11 2.29 25.41
C TRP C 196 -37.55 1.16 24.47
N ASN C 197 -38.01 0.04 25.04
CA ASN C 197 -38.41 -1.13 24.18
C ASN C 197 -39.52 -0.70 23.27
N LEU C 198 -40.49 0.04 23.80
CA LEU C 198 -41.60 0.51 22.99
C LEU C 198 -41.21 1.62 22.01
N ALA C 199 -40.41 2.56 22.50
CA ALA C 199 -39.91 3.62 21.69
C ALA C 199 -39.12 3.01 20.49
N ALA C 200 -38.31 2.01 20.74
CA ALA C 200 -37.46 1.44 19.61
C ALA C 200 -38.34 0.85 18.53
N GLU C 201 -39.41 0.15 18.96
CA GLU C 201 -40.49 -0.27 18.06
C GLU C 201 -41.05 0.83 17.17
N ARG C 202 -41.51 1.92 17.77
CA ARG C 202 -42.02 3.11 17.06
C ARG C 202 -41.02 3.81 16.12
N ILE C 203 -39.79 3.95 16.59
CA ILE C 203 -38.82 4.74 15.83
C ILE C 203 -38.41 3.83 14.68
N GLY C 204 -38.15 2.58 15.03
CA GLY C 204 -37.72 1.61 14.03
C GLY C 204 -38.79 1.37 12.97
N LYS C 205 -40.06 1.35 13.36
CA LYS C 205 -41.08 1.20 12.30
C LYS C 205 -41.06 2.32 11.31
N ALA C 206 -40.91 3.55 11.80
CA ALA C 206 -40.94 4.67 10.86
C ALA C 206 -39.70 4.69 9.93
N ILE C 207 -38.55 4.32 10.47
CA ILE C 207 -37.38 4.18 9.57
C ILE C 207 -37.63 3.04 8.57
N LEU C 208 -38.05 1.85 9.03
CA LEU C 208 -38.13 0.71 8.11
C LEU C 208 -39.07 0.96 6.97
N LYS C 209 -39.78 2.08 7.02
CA LYS C 209 -40.82 2.37 6.08
C LYS C 209 -40.22 3.14 4.93
N VAL C 210 -39.22 3.95 5.24
CA VAL C 210 -38.57 4.71 4.18
C VAL C 210 -37.19 4.09 3.86
N ALA C 211 -36.73 3.15 4.69
CA ALA C 211 -35.49 2.40 4.42
C ALA C 211 -35.73 0.94 4.79
N PRO C 212 -36.61 0.24 4.03
CA PRO C 212 -36.91 -1.16 4.26
C PRO C 212 -35.67 -2.02 4.24
N HIS C 213 -34.64 -1.55 3.55
CA HIS C 213 -33.43 -2.35 3.39
C HIS C 213 -32.46 -2.31 4.59
N TRP C 214 -32.71 -1.40 5.53
CA TRP C 214 -31.81 -1.20 6.67
C TRP C 214 -31.97 -2.20 7.81
N LEU C 215 -30.92 -2.27 8.62
CA LEU C 215 -31.03 -3.01 9.87
C LEU C 215 -31.35 -1.98 10.98
N ILE C 216 -31.97 -2.46 12.05
CA ILE C 216 -32.34 -1.55 13.16
C ILE C 216 -31.56 -2.04 14.35
N PHE C 217 -30.59 -1.22 14.78
CA PHE C 217 -29.76 -1.58 15.90
C PHE C 217 -30.40 -1.00 17.18
N VAL C 218 -30.68 -1.87 18.15
CA VAL C 218 -31.36 -1.44 19.41
C VAL C 218 -30.49 -1.66 20.63
N GLU C 219 -30.03 -0.60 21.27
CA GLU C 219 -29.23 -0.75 22.48
C GLU C 219 -30.07 -1.07 23.67
N GLY C 220 -29.40 -1.48 24.72
CA GLY C 220 -30.07 -1.68 26.00
C GLY C 220 -30.32 -0.34 26.65
N THR C 221 -30.81 -0.41 27.89
CA THR C 221 -30.93 0.77 28.74
C THR C 221 -29.94 0.58 29.84
N GLN C 222 -30.01 1.40 30.89
CA GLN C 222 -29.16 1.16 32.02
C GLN C 222 -29.94 0.27 33.08
N PHE C 223 -31.17 0.65 33.35
CA PHE C 223 -32.05 -0.11 34.20
C PHE C 223 -33.27 -0.44 33.38
N THR C 224 -33.98 -1.49 33.76
CA THR C 224 -35.09 -1.97 32.94
C THR C 224 -36.40 -1.86 33.74
N ASN C 225 -36.53 -2.81 34.67
CA ASN C 225 -37.65 -2.79 35.63
C ASN C 225 -37.26 -3.52 36.90
N PRO C 226 -37.99 -3.23 38.00
CA PRO C 226 -37.59 -3.69 39.33
C PRO C 226 -37.35 -5.17 39.31
N LYS C 227 -38.30 -5.89 38.73
CA LYS C 227 -38.28 -7.36 38.81
C LYS C 227 -37.12 -7.95 37.99
N THR C 228 -36.92 -7.45 36.78
CA THR C 228 -35.77 -7.87 35.97
C THR C 228 -34.46 -7.53 36.68
N ASP C 229 -34.29 -6.27 37.09
CA ASP C 229 -33.02 -5.86 37.66
C ASP C 229 -32.64 -6.51 39.00
N SER C 230 -33.61 -6.80 39.85
CA SER C 230 -33.26 -7.21 41.22
C SER C 230 -33.02 -8.70 41.25
N SER C 231 -33.21 -9.34 40.10
CA SER C 231 -33.13 -10.77 40.02
C SER C 231 -31.79 -11.25 39.46
N TYR C 232 -30.79 -10.36 39.43
CA TYR C 232 -29.41 -10.75 39.20
C TYR C 232 -28.50 -9.95 40.13
N LYS C 233 -27.50 -10.57 40.75
CA LYS C 233 -26.68 -9.89 41.75
C LYS C 233 -26.12 -8.56 41.24
N TRP C 234 -25.82 -8.53 39.96
CA TRP C 234 -25.28 -7.31 39.44
C TRP C 234 -26.29 -6.62 38.50
N GLY C 235 -27.57 -6.87 38.75
CA GLY C 235 -28.66 -6.34 37.94
C GLY C 235 -28.67 -4.81 37.85
N TYR C 236 -28.02 -4.13 38.81
CA TYR C 236 -28.03 -2.67 38.82
C TYR C 236 -26.68 -2.12 38.40
N ASN C 237 -25.85 -2.98 37.83
CA ASN C 237 -24.52 -2.49 37.49
C ASN C 237 -24.17 -2.78 36.05
N ALA C 238 -25.15 -2.57 35.17
CA ALA C 238 -24.98 -2.58 33.72
C ALA C 238 -24.63 -1.20 33.18
N TRP C 239 -23.86 -1.14 32.08
CA TRP C 239 -23.52 0.15 31.43
C TRP C 239 -24.70 0.89 30.77
N TRP C 240 -24.60 2.21 30.61
CA TRP C 240 -25.49 2.89 29.69
C TRP C 240 -25.50 2.16 28.33
N GLY C 241 -26.70 1.94 27.76
CA GLY C 241 -26.82 1.19 26.50
C GLY C 241 -26.60 -0.30 26.66
N GLY C 242 -26.36 -0.74 27.88
CA GLY C 242 -25.79 -2.05 28.15
C GLY C 242 -26.63 -3.05 28.95
N ASN C 243 -27.85 -2.69 29.35
CA ASN C 243 -28.73 -3.69 30.05
C ASN C 243 -29.71 -4.33 29.07
N LEU C 244 -29.51 -5.61 28.71
CA LEU C 244 -30.44 -6.30 27.80
C LEU C 244 -31.21 -7.43 28.55
N MET C 245 -31.20 -7.37 29.87
CA MET C 245 -31.86 -8.35 30.71
C MET C 245 -33.34 -8.41 30.46
N ALA C 246 -33.92 -7.36 29.94
CA ALA C 246 -35.34 -7.33 29.77
C ALA C 246 -35.79 -7.85 28.42
N VAL C 247 -34.85 -8.16 27.52
CA VAL C 247 -35.22 -8.75 26.23
C VAL C 247 -35.99 -10.10 26.37
N LYS C 248 -35.52 -10.96 27.27
CA LYS C 248 -36.23 -12.23 27.55
C LYS C 248 -37.77 -11.95 27.65
N ASP C 249 -38.22 -11.24 28.68
CA ASP C 249 -39.69 -11.12 28.85
C ASP C 249 -40.35 -9.95 28.09
N TYR C 250 -39.54 -9.09 27.47
CA TYR C 250 -40.01 -7.96 26.70
C TYR C 250 -39.11 -7.77 25.48
N PRO C 251 -39.16 -8.76 24.54
CA PRO C 251 -38.50 -8.60 23.23
C PRO C 251 -39.03 -7.35 22.60
N VAL C 252 -38.21 -6.67 21.80
CA VAL C 252 -38.65 -5.51 21.09
C VAL C 252 -39.42 -6.07 19.94
N ASN C 253 -40.55 -5.44 19.61
CA ASN C 253 -41.43 -5.97 18.61
C ASN C 253 -41.16 -5.42 17.24
N LEU C 254 -40.01 -5.75 16.68
CA LEU C 254 -39.71 -5.45 15.26
C LEU C 254 -39.44 -6.74 14.48
N PRO C 255 -39.54 -6.70 13.17
CA PRO C 255 -39.30 -7.97 12.42
C PRO C 255 -37.98 -8.68 12.77
N LYS C 256 -37.99 -10.00 12.74
CA LYS C 256 -36.89 -10.81 13.22
C LYS C 256 -35.64 -10.64 12.33
N ASN C 257 -35.85 -10.25 11.11
CA ASN C 257 -34.73 -10.27 10.18
C ASN C 257 -34.19 -8.85 9.96
N LYS C 258 -34.71 -7.89 10.76
CA LYS C 258 -34.30 -6.48 10.72
C LYS C 258 -33.65 -6.03 12.04
N LEU C 259 -33.80 -6.83 13.11
CA LEU C 259 -33.40 -6.40 14.43
C LEU C 259 -32.06 -6.97 14.94
N VAL C 260 -31.16 -6.04 15.31
CA VAL C 260 -29.93 -6.35 15.98
C VAL C 260 -29.93 -5.68 17.33
N TYR C 261 -29.61 -6.46 18.34
CA TYR C 261 -29.42 -5.95 19.67
C TYR C 261 -28.00 -5.54 19.84
N SER C 262 -27.78 -4.39 20.48
CA SER C 262 -26.46 -3.78 20.44
C SER C 262 -26.08 -3.15 21.79
N PRO C 263 -25.57 -3.95 22.72
CA PRO C 263 -25.17 -3.43 24.02
C PRO C 263 -23.80 -2.74 23.93
N HIS C 264 -23.56 -1.85 24.89
CA HIS C 264 -22.26 -1.31 25.14
C HIS C 264 -21.78 -2.02 26.38
N VAL C 265 -20.48 -2.20 26.45
CA VAL C 265 -19.84 -2.86 27.59
C VAL C 265 -18.48 -2.28 27.76
N TYR C 266 -18.11 -2.03 29.03
CA TYR C 266 -16.89 -1.30 29.33
C TYR C 266 -16.17 -1.87 30.55
N GLY C 267 -14.96 -1.40 30.81
CA GLY C 267 -14.16 -1.93 31.94
C GLY C 267 -13.80 -0.80 32.90
N PRO C 268 -12.81 -1.05 33.79
CA PRO C 268 -12.38 -0.10 34.85
C PRO C 268 -12.06 1.33 34.39
N ASP C 269 -11.75 1.57 33.13
CA ASP C 269 -11.43 2.94 32.82
C ASP C 269 -12.67 3.84 32.72
N VAL C 270 -13.84 3.25 32.58
CA VAL C 270 -15.03 4.03 32.40
C VAL C 270 -15.76 4.31 33.74
N TYR C 271 -15.88 3.24 34.52
CA TYR C 271 -16.36 3.28 35.91
C TYR C 271 -15.87 2.05 36.71
N ASN C 272 -15.36 2.32 37.91
CA ASN C 272 -14.83 1.24 38.72
C ASN C 272 -15.90 0.33 39.29
N GLN C 273 -16.49 -0.50 38.45
CA GLN C 273 -17.57 -1.33 38.90
C GLN C 273 -17.08 -2.15 40.08
N PRO C 274 -18.01 -2.57 40.95
CA PRO C 274 -17.80 -3.41 42.11
C PRO C 274 -17.15 -4.72 41.72
N TYR C 275 -17.65 -5.34 40.66
CA TYR C 275 -17.17 -6.64 40.20
C TYR C 275 -15.78 -6.62 39.60
N PHE C 276 -15.22 -5.43 39.36
CA PHE C 276 -13.83 -5.31 38.92
C PHE C 276 -12.84 -5.44 40.10
N GLY C 277 -13.36 -5.70 41.29
CA GLY C 277 -12.50 -5.82 42.47
C GLY C 277 -11.90 -7.20 42.58
N PRO C 278 -10.59 -7.33 42.36
CA PRO C 278 -10.13 -8.70 42.38
C PRO C 278 -10.82 -9.40 43.54
N ALA C 279 -10.86 -8.73 44.70
CA ALA C 279 -11.42 -9.30 45.90
C ALA C 279 -12.82 -9.84 45.67
N LYS C 280 -13.35 -9.63 44.46
CA LYS C 280 -14.73 -10.07 44.16
C LYS C 280 -14.87 -10.81 42.81
N GLY C 281 -13.81 -11.48 42.36
CA GLY C 281 -13.91 -12.42 41.23
C GLY C 281 -13.04 -12.09 40.03
N PHE C 282 -12.76 -10.82 39.82
CA PHE C 282 -12.12 -10.36 38.62
C PHE C 282 -10.72 -10.96 38.44
N PRO C 283 -10.38 -11.34 37.18
CA PRO C 283 -11.24 -11.03 36.05
C PRO C 283 -12.13 -12.20 35.70
N ASP C 284 -12.05 -13.26 36.50
CA ASP C 284 -12.72 -14.51 36.14
C ASP C 284 -14.22 -14.54 36.30
N ASN C 285 -14.78 -13.52 36.95
CA ASN C 285 -16.24 -13.44 37.11
C ASN C 285 -16.94 -12.88 35.87
N LEU C 286 -16.17 -12.24 34.99
CA LEU C 286 -16.75 -11.44 33.90
C LEU C 286 -17.70 -12.23 33.00
N PRO C 287 -17.27 -13.42 32.55
CA PRO C 287 -18.11 -14.10 31.60
C PRO C 287 -19.57 -14.18 31.97
N ASP C 288 -19.85 -14.47 33.24
CA ASP C 288 -21.23 -14.72 33.66
C ASP C 288 -22.01 -13.39 33.65
N ILE C 289 -21.34 -12.37 34.12
CA ILE C 289 -21.87 -11.01 34.04
C ILE C 289 -22.20 -10.59 32.61
N TRP C 290 -21.23 -10.59 31.69
CA TRP C 290 -21.56 -10.26 30.31
C TRP C 290 -22.69 -11.16 29.86
N TYR C 291 -22.67 -12.39 30.34
CA TYR C 291 -23.62 -13.32 29.81
C TYR C 291 -25.03 -12.84 30.19
N HIS C 292 -25.18 -12.53 31.48
CA HIS C 292 -26.50 -12.07 32.02
C HIS C 292 -26.97 -10.70 31.50
N HIS C 293 -26.08 -9.71 31.46
CA HIS C 293 -26.45 -8.39 30.93
C HIS C 293 -26.84 -8.41 29.43
N PHE C 294 -26.10 -9.15 28.58
CA PHE C 294 -26.49 -9.18 27.16
C PHE C 294 -26.19 -10.53 26.47
N GLY C 295 -25.15 -11.20 26.93
CA GLY C 295 -24.61 -12.39 26.24
C GLY C 295 -25.63 -13.45 25.89
N TYR C 296 -26.65 -13.60 26.73
CA TYR C 296 -27.64 -14.68 26.63
C TYR C 296 -28.56 -14.39 25.51
N VAL C 297 -28.63 -13.12 25.08
CA VAL C 297 -29.56 -12.78 24.02
C VAL C 297 -29.21 -13.46 22.68
N LYS C 298 -27.92 -13.75 22.51
CA LYS C 298 -27.45 -14.50 21.34
C LYS C 298 -27.28 -15.98 21.66
N LEU C 299 -26.67 -16.25 22.81
CA LEU C 299 -26.21 -17.59 23.21
C LEU C 299 -27.35 -18.47 23.65
N GLU C 300 -28.38 -17.84 24.19
CA GLU C 300 -29.59 -18.51 24.62
C GLU C 300 -30.71 -18.29 23.63
N LEU C 301 -31.08 -17.03 23.40
CA LEU C 301 -32.22 -16.71 22.54
C LEU C 301 -31.96 -16.72 21.06
N GLY C 302 -30.68 -16.77 20.68
CA GLY C 302 -30.36 -16.90 19.26
C GLY C 302 -30.40 -15.63 18.44
N TYR C 303 -30.54 -14.47 19.08
CA TYR C 303 -30.58 -13.18 18.33
C TYR C 303 -29.18 -12.68 17.94
N SER C 304 -29.12 -11.93 16.87
CA SER C 304 -27.96 -11.12 16.49
C SER C 304 -27.63 -10.12 17.60
N VAL C 305 -26.44 -10.24 18.21
CA VAL C 305 -25.94 -9.24 19.15
C VAL C 305 -24.66 -8.59 18.62
N VAL C 306 -24.69 -7.28 18.34
CA VAL C 306 -23.44 -6.62 17.84
C VAL C 306 -23.00 -5.62 18.91
N ILE C 307 -21.81 -5.80 19.51
CA ILE C 307 -21.30 -4.86 20.53
C ILE C 307 -21.05 -3.54 19.79
N GLY C 308 -21.83 -2.52 20.13
CA GLY C 308 -21.72 -1.19 19.51
C GLY C 308 -20.61 -0.32 20.08
N GLU C 309 -20.21 -0.54 21.33
CA GLU C 309 -19.09 0.17 21.94
C GLU C 309 -18.42 -0.74 22.98
N PHE C 310 -17.11 -0.69 23.05
CA PHE C 310 -16.31 -1.26 24.13
C PHE C 310 -14.93 -0.73 23.88
N GLY C 311 -14.15 -0.52 24.94
CA GLY C 311 -12.78 -0.01 24.73
C GLY C 311 -12.17 0.42 26.03
N GLY C 312 -11.04 1.11 25.97
CA GLY C 312 -10.30 1.33 27.23
C GLY C 312 -8.86 1.72 26.97
N LYS C 313 -8.19 2.24 28.01
CA LYS C 313 -6.86 2.76 27.79
C LYS C 313 -5.79 1.67 27.70
N TYR C 314 -6.14 0.48 28.16
CA TYR C 314 -5.26 -0.69 27.97
C TYR C 314 -3.93 -0.36 28.67
N GLY C 315 -4.00 0.44 29.74
CA GLY C 315 -2.86 0.65 30.59
C GLY C 315 -2.04 1.83 30.17
N HIS C 316 -2.45 2.53 29.12
CA HIS C 316 -1.77 3.76 28.83
C HIS C 316 -2.46 4.93 29.57
N GLY C 317 -1.99 5.20 30.78
CA GLY C 317 -2.42 6.43 31.46
C GLY C 317 -3.72 6.08 32.17
N GLY C 318 -4.02 4.80 32.27
CA GLY C 318 -5.27 4.45 32.88
C GLY C 318 -5.09 3.40 33.93
N ASP C 319 -6.18 2.74 34.29
CA ASP C 319 -6.15 1.72 35.32
C ASP C 319 -5.53 0.45 34.73
N PRO C 320 -4.48 -0.10 35.39
CA PRO C 320 -3.73 -1.22 34.79
C PRO C 320 -4.66 -2.42 34.63
N ARG C 321 -5.68 -2.48 35.49
CA ARG C 321 -6.68 -3.52 35.35
C ARG C 321 -7.41 -3.52 33.98
N ASP C 322 -7.27 -2.45 33.22
CA ASP C 322 -7.93 -2.44 31.89
C ASP C 322 -7.29 -3.39 30.88
N VAL C 323 -5.96 -3.57 30.98
CA VAL C 323 -5.27 -4.56 30.10
C VAL C 323 -5.89 -5.94 30.30
N ILE C 324 -5.89 -6.41 31.54
CA ILE C 324 -6.49 -7.70 31.81
C ILE C 324 -7.99 -7.70 31.45
N TRP C 325 -8.67 -6.58 31.61
CA TRP C 325 -10.10 -6.57 31.23
C TRP C 325 -10.33 -6.78 29.74
N GLN C 326 -9.62 -6.04 28.89
CA GLN C 326 -9.81 -6.14 27.43
C GLN C 326 -9.37 -7.53 26.95
N ASN C 327 -8.32 -8.05 27.58
CA ASN C 327 -7.80 -9.40 27.29
C ASN C 327 -8.86 -10.46 27.57
N LYS C 328 -9.43 -10.41 28.75
CA LYS C 328 -10.43 -11.37 29.11
C LYS C 328 -11.69 -11.22 28.23
N LEU C 329 -12.03 -9.98 27.82
CA LEU C 329 -13.27 -9.76 27.01
C LEU C 329 -13.16 -10.26 25.54
N VAL C 330 -12.03 -9.98 24.92
CA VAL C 330 -11.77 -10.46 23.57
C VAL C 330 -11.69 -12.01 23.65
N ASP C 331 -11.18 -12.53 24.75
CA ASP C 331 -11.18 -13.99 24.93
C ASP C 331 -12.57 -14.48 24.78
N TRP C 332 -13.48 -13.76 25.42
CA TRP C 332 -14.82 -14.25 25.62
C TRP C 332 -15.61 -14.09 24.34
N MET C 333 -15.40 -12.96 23.65
CA MET C 333 -16.02 -12.81 22.34
C MET C 333 -15.51 -13.85 21.33
N ILE C 334 -14.20 -14.15 21.33
CA ILE C 334 -13.63 -15.26 20.47
C ILE C 334 -14.31 -16.59 20.85
N GLU C 335 -14.27 -16.94 22.12
CA GLU C 335 -14.85 -18.22 22.56
C GLU C 335 -16.31 -18.38 22.18
N ASN C 336 -17.07 -17.31 22.31
CA ASN C 336 -18.53 -17.33 22.10
C ASN C 336 -19.03 -16.82 20.71
N LYS C 337 -18.07 -16.55 19.84
CA LYS C 337 -18.34 -16.04 18.49
C LYS C 337 -19.18 -14.78 18.48
N PHE C 338 -18.70 -13.78 19.19
CA PHE C 338 -19.24 -12.42 18.98
C PHE C 338 -18.32 -11.76 18.00
N CYS C 339 -18.61 -11.88 16.72
CA CYS C 339 -17.67 -11.48 15.68
C CYS C 339 -17.96 -10.14 15.08
N ASP C 340 -19.17 -9.62 15.35
CA ASP C 340 -19.55 -8.31 14.92
C ASP C 340 -19.36 -7.29 16.04
N PHE C 341 -18.64 -6.19 15.77
CA PHE C 341 -18.30 -5.27 16.87
C PHE C 341 -17.89 -3.91 16.40
N PHE C 342 -17.92 -2.95 17.32
CA PHE C 342 -17.48 -1.58 16.98
C PHE C 342 -16.66 -1.13 18.21
N TYR C 343 -15.35 -0.97 18.03
CA TYR C 343 -14.48 -0.52 19.12
C TYR C 343 -14.73 0.99 19.38
N TRP C 344 -14.73 1.39 20.65
CA TRP C 344 -14.71 2.82 20.97
C TRP C 344 -13.31 3.26 21.46
N SER C 345 -12.52 4.02 20.69
CA SER C 345 -12.88 4.62 19.44
C SER C 345 -11.65 4.54 18.54
N TRP C 346 -11.82 4.89 17.27
CA TRP C 346 -10.69 5.16 16.39
C TRP C 346 -9.92 6.41 16.95
N ASN C 347 -10.72 7.43 17.34
CA ASN C 347 -10.27 8.68 17.99
C ASN C 347 -9.41 8.43 19.24
N PRO C 348 -8.34 9.19 19.39
CA PRO C 348 -7.69 9.09 20.71
C PRO C 348 -8.36 10.09 21.70
N ASP C 349 -9.20 11.00 21.21
CA ASP C 349 -9.61 12.10 22.11
C ASP C 349 -10.92 11.78 22.84
N SER C 350 -10.96 10.61 23.46
CA SER C 350 -11.99 10.20 24.33
C SER C 350 -11.31 10.09 25.71
N GLY C 351 -11.86 10.84 26.67
CA GLY C 351 -11.12 11.15 27.88
C GLY C 351 -10.98 9.95 28.76
N ASP C 352 -11.97 9.06 28.77
CA ASP C 352 -11.81 7.94 29.67
C ASP C 352 -11.34 6.64 29.01
N THR C 353 -11.20 6.61 27.69
CA THR C 353 -10.87 5.34 27.02
C THR C 353 -9.68 5.43 26.09
N GLY C 354 -9.36 6.62 25.68
CA GLY C 354 -8.40 6.78 24.57
C GLY C 354 -8.97 6.00 23.40
N GLY C 355 -8.13 5.60 22.47
CA GLY C 355 -8.66 4.69 21.44
C GLY C 355 -7.56 3.96 20.70
N ILE C 356 -7.77 3.69 19.42
CA ILE C 356 -6.76 2.91 18.61
C ILE C 356 -5.62 3.86 18.18
N LEU C 357 -5.94 5.04 17.70
CA LEU C 357 -4.89 6.04 17.58
C LEU C 357 -4.36 6.53 18.96
N GLN C 358 -3.06 6.85 18.99
CA GLN C 358 -2.51 7.73 20.06
C GLN C 358 -2.81 9.20 19.78
N ASP C 359 -2.39 10.12 20.69
CA ASP C 359 -2.74 11.54 20.61
C ASP C 359 -2.12 12.23 19.44
N ASP C 360 -1.11 11.57 18.83
CA ASP C 360 -0.60 12.14 17.57
C ASP C 360 -1.57 11.89 16.42
N TRP C 361 -2.70 11.24 16.68
CA TRP C 361 -3.64 11.02 15.56
C TRP C 361 -2.99 10.25 14.39
N THR C 362 -1.87 9.59 14.64
CA THR C 362 -1.12 8.98 13.53
C THR C 362 -0.60 7.58 13.89
N THR C 363 0.01 7.43 15.06
CA THR C 363 0.48 6.08 15.40
C THR C 363 -0.53 5.37 16.25
N ILE C 364 -0.60 4.03 16.17
CA ILE C 364 -1.57 3.30 16.96
C ILE C 364 -0.96 2.75 18.23
N TRP C 365 -1.80 2.34 19.19
CA TRP C 365 -1.32 1.65 20.35
C TRP C 365 -1.18 0.18 19.91
N GLU C 366 0.03 -0.28 19.68
CA GLU C 366 0.26 -1.59 19.07
C GLU C 366 -0.30 -2.75 19.90
N ASP C 367 -0.09 -2.73 21.22
CA ASP C 367 -0.59 -3.78 22.11
C ASP C 367 -2.12 -3.79 22.24
N LYS C 368 -2.71 -2.62 22.39
CA LYS C 368 -4.17 -2.54 22.44
C LYS C 368 -4.74 -3.13 21.13
N TYR C 369 -4.20 -2.71 20.01
CA TYR C 369 -4.68 -3.14 18.68
C TYR C 369 -4.44 -4.68 18.49
N ASN C 370 -3.26 -5.17 18.86
CA ASN C 370 -2.96 -6.62 18.74
C ASN C 370 -3.89 -7.50 19.56
N ASN C 371 -4.20 -7.06 20.76
CA ASN C 371 -5.25 -7.76 21.47
C ASN C 371 -6.55 -7.84 20.67
N LEU C 372 -7.07 -6.71 20.22
CA LEU C 372 -8.37 -6.69 19.50
C LEU C 372 -8.32 -7.49 18.20
N LYS C 373 -7.15 -7.54 17.57
CA LYS C 373 -6.98 -8.23 16.29
C LYS C 373 -7.10 -9.75 16.42
N ARG C 374 -6.79 -10.29 17.61
CA ARG C 374 -7.00 -11.71 17.84
C ARG C 374 -8.42 -12.11 17.47
N LEU C 375 -9.39 -11.21 17.65
CA LEU C 375 -10.79 -11.47 17.30
C LEU C 375 -10.93 -11.46 15.81
N MET C 376 -10.32 -10.47 15.17
CA MET C 376 -10.38 -10.37 13.73
C MET C 376 -9.62 -11.55 13.08
N ASP C 377 -8.63 -12.06 13.82
CA ASP C 377 -7.66 -12.98 13.25
C ASP C 377 -6.80 -12.28 12.19
C1 ZGB D . 2.52 -15.14 -14.69
O1 ZGB D . 4.57 -16.34 -16.32
C2 ZGB D . 3.72 -15.88 -14.16
O2 ZGB D . 5.73 -19.07 -8.29
C3 ZGB D . 3.79 -16.00 -12.79
C4 ZGB D . 4.67 -16.48 -14.98
C6 ZGB D . 5.75 -17.20 -14.42
C7 ZGB D . 5.79 -17.33 -13.03
C8 ZGB D . 4.80 -16.71 -12.21
C9 ZGB D . 4.77 -16.77 -10.72
C10 ZGB D . 4.92 -17.96 -10.15
C11 ZGB D . 4.92 -18.23 -8.71
P PO4 E . -19.80 3.93 -32.47
O1 PO4 E . -20.25 5.12 -31.63
O2 PO4 E . -18.33 3.95 -32.80
O3 PO4 E . -20.08 2.65 -31.70
O4 PO4 E . -20.59 3.91 -33.76
C1 ZGB F . -23.85 -0.12 -32.40
O1 ZGB F . -24.27 -0.74 -29.72
C2 ZGB F . -24.06 0.98 -31.39
O2 ZGB F . -26.48 5.07 -28.64
C3 ZGB F . -24.04 2.36 -31.75
C4 ZGB F . -24.26 0.60 -30.07
C6 ZGB F . -24.47 1.57 -29.11
C7 ZGB F . -24.49 2.92 -29.46
C8 ZGB F . -24.25 3.33 -30.77
C9 ZGB F . -24.26 4.78 -31.09
C10 ZGB F . -24.78 5.67 -30.21
C11 ZGB F . -25.28 5.21 -28.91
P PO4 G . 49.58 19.04 11.54
O1 PO4 G . 48.64 19.66 12.58
O2 PO4 G . 49.31 19.60 10.16
O3 PO4 G . 51.03 19.38 11.83
O4 PO4 G . 49.54 17.54 11.63
P PO4 H . -2.10 12.04 6.39
O1 PO4 H . -2.29 11.80 4.89
O2 PO4 H . -1.25 13.28 6.61
O3 PO4 H . -3.47 12.16 7.03
O4 PO4 H . -1.40 10.86 7.06
P PO4 I . 2.76 11.48 -3.75
O1 PO4 I . 1.84 12.57 -3.24
O2 PO4 I . 4.11 12.06 -4.05
O3 PO4 I . 2.84 10.34 -2.72
O4 PO4 I . 2.23 10.90 -5.06
C1 ZGB J . -23.63 -6.41 -3.88
O1 ZGB J . -22.33 -3.82 -3.98
C2 ZGB J . -22.45 -6.03 -2.99
C3 ZGB J . -21.96 -6.95 -2.06
O3 ZGB J . -18.10 -6.69 2.31
C4 ZGB J . -21.88 -4.77 -3.10
C6 ZGB J . -20.82 -4.45 -2.28
C7 ZGB J . -20.31 -5.34 -1.34
C8 ZGB J . -20.88 -6.60 -1.26
C9 ZGB J . -20.38 -7.58 -0.28
C10 ZGB J . -19.53 -7.45 0.75
C11 ZGB J . -18.74 -6.35 1.30
#